data_7ZAO
#
_entry.id   7ZAO
#
_cell.length_a   76.907
_cell.length_b   101.358
_cell.length_c   154.974
_cell.angle_alpha   90.000
_cell.angle_beta   90.000
_cell.angle_gamma   90.000
#
_symmetry.space_group_name_H-M   'P 21 2 21'
#
loop_
_entity.id
_entity.type
_entity.pdbx_description
1 polymer 'Sialidase (Neuraminidase) family protein-like protein'
2 non-polymer 'MAGNESIUM ION'
3 water water
#
_entity_poly.entity_id   1
_entity_poly.type   'polypeptide(L)'
_entity_poly.pdbx_seq_one_letter_code
;HHHHHHLVPRGSKKNDGVTGIQGDTNQEDEIKENTGGLQTSWDQIKDKTIMNDYAVIGESGGDYYRNPVIVALGGANVLI
VTEKRINYPGSANDIGVNGSKPVSIVYLLSSDAGDNFSSPLPIGGESTSADNAVSAPVVYYKKDKVYVIASAGAGISRTD
QDYSARNPKSMLKYSVGTVTGADNKASIQWSEWKELSVSGKIGENVQFGTHSGRGIIASDGTTMVLPIITAEQGKNGAAK
EMMGAEFYKVTANDTLTIGEKIGQTVKFAQGSGTSGFSKYKEAKPIAYDNTKVTYFAVPNPDGGDGKMGKGDSGAENNVT
STTIPGSEGSFGFLKLTGSWYGANQYDPSKYASNPSQAGGATGDQAGKDEVLFSHVTTPAGQNQMRLLDPQQYEPLSKSL
QISKTSKSSSIDVLPDGTIIVVAEKERNTGASGLKFNIFFSRYTQSYLSSQLEYPYDVPDYA
;
_entity_poly.pdbx_strand_id   A,B
#
loop_
_chem_comp.id
_chem_comp.type
_chem_comp.name
_chem_comp.formula
MG non-polymer 'MAGNESIUM ION' 'Mg 2'
#
# COMPACT_ATOMS: atom_id res chain seq x y z
N ASN A 26 -7.11 -18.37 4.71
CA ASN A 26 -7.26 -17.53 3.50
C ASN A 26 -6.06 -16.64 3.13
N GLN A 27 -5.20 -16.37 4.11
CA GLN A 27 -4.05 -15.49 3.89
C GLN A 27 -2.92 -16.24 3.17
N GLU A 28 -2.17 -15.51 2.36
CA GLU A 28 -1.07 -16.09 1.60
C GLU A 28 0.25 -15.81 2.34
N ASP A 29 1.26 -16.63 2.03
CA ASP A 29 2.61 -16.38 2.54
C ASP A 29 3.34 -15.48 1.54
N GLU A 30 3.60 -14.24 1.92
CA GLU A 30 4.13 -13.28 0.98
C GLU A 30 5.65 -13.35 0.87
N ILE A 31 6.14 -13.06 -0.32
CA ILE A 31 7.56 -12.91 -0.60
C ILE A 31 7.76 -11.53 -1.18
N LYS A 32 8.66 -10.75 -0.58
CA LYS A 32 9.01 -9.43 -1.08
C LYS A 32 10.52 -9.33 -1.12
N GLU A 33 11.09 -9.30 -2.33
CA GLU A 33 12.54 -9.33 -2.52
C GLU A 33 13.00 -8.16 -3.34
N ASN A 34 14.26 -7.78 -3.13
CA ASN A 34 14.94 -6.81 -3.98
C ASN A 34 15.71 -7.63 -5.01
N THR A 35 15.04 -7.96 -6.11
CA THR A 35 15.68 -8.62 -7.22
C THR A 35 16.58 -7.62 -7.92
N GLY A 36 17.37 -8.08 -8.87
CA GLY A 36 18.17 -7.06 -9.52
C GLY A 36 17.42 -6.25 -10.58
N GLY A 37 16.08 -6.25 -10.55
CA GLY A 37 15.33 -5.86 -11.75
C GLY A 37 15.35 -7.02 -12.76
N LEU A 38 15.62 -6.71 -14.03
CA LEU A 38 15.81 -7.76 -15.02
C LEU A 38 17.04 -8.61 -14.69
N GLN A 39 16.91 -9.93 -14.75
CA GLN A 39 18.05 -10.81 -14.59
C GLN A 39 18.87 -10.86 -15.89
N THR A 40 20.18 -11.08 -15.75
CA THR A 40 21.09 -10.98 -16.89
C THR A 40 21.98 -12.20 -17.11
N SER A 41 21.88 -13.25 -16.31
CA SER A 41 22.73 -14.41 -16.52
C SER A 41 22.08 -15.62 -15.90
N TRP A 42 22.38 -16.81 -16.46
CA TRP A 42 21.85 -18.06 -15.93
C TRP A 42 22.34 -18.33 -14.51
N ASP A 43 23.58 -17.94 -14.18
CA ASP A 43 24.09 -18.18 -12.83
C ASP A 43 23.28 -17.42 -11.80
N GLN A 44 22.86 -16.21 -12.15
CA GLN A 44 22.08 -15.39 -11.22
C GLN A 44 20.69 -15.98 -10.98
N ILE A 45 20.10 -16.57 -12.01
CA ILE A 45 18.69 -16.96 -11.97
C ILE A 45 18.47 -18.43 -11.61
N LYS A 46 19.48 -19.29 -11.76
CA LYS A 46 19.25 -20.73 -11.79
C LYS A 46 18.70 -21.28 -10.48
N ASP A 47 19.04 -20.66 -9.35
CA ASP A 47 18.55 -21.12 -8.06
C ASP A 47 17.29 -20.42 -7.59
N LYS A 48 16.73 -19.51 -8.36
CA LYS A 48 15.57 -18.75 -7.89
C LYS A 48 14.26 -19.41 -8.35
N THR A 49 13.23 -19.28 -7.51
CA THR A 49 11.93 -19.88 -7.78
C THR A 49 10.83 -18.83 -7.78
N ILE A 50 10.30 -18.51 -6.59
CA ILE A 50 9.31 -17.46 -6.44
C ILE A 50 10.07 -16.18 -6.10
N MET A 51 10.24 -15.30 -7.09
CA MET A 51 11.05 -14.10 -6.89
C MET A 51 10.28 -12.96 -6.19
N ASN A 52 8.96 -12.90 -6.35
CA ASN A 52 8.13 -11.94 -5.63
C ASN A 52 6.71 -12.48 -5.64
N ASP A 53 5.98 -12.20 -4.55
CA ASP A 53 4.59 -12.69 -4.41
C ASP A 53 3.94 -11.89 -3.27
N TYR A 54 3.37 -10.73 -3.60
CA TYR A 54 2.95 -9.82 -2.54
C TYR A 54 1.79 -8.96 -3.00
N ALA A 55 1.05 -8.43 -2.02
CA ALA A 55 -0.08 -7.54 -2.30
C ALA A 55 0.42 -6.17 -2.73
N VAL A 56 0.14 -5.76 -3.96
CA VAL A 56 0.44 -4.38 -4.32
C VAL A 56 -0.69 -3.44 -3.86
N ILE A 57 -1.92 -3.96 -3.74
CA ILE A 57 -3.04 -3.20 -3.16
C ILE A 57 -3.65 -4.06 -2.08
N GLY A 58 -3.70 -3.53 -0.85
CA GLY A 58 -4.23 -4.26 0.29
C GLY A 58 -5.59 -3.71 0.70
N GLU A 59 -5.74 -3.40 1.99
CA GLU A 59 -7.00 -2.86 2.50
C GLU A 59 -7.34 -1.57 1.79
N SER A 60 -8.62 -1.35 1.53
CA SER A 60 -9.03 -0.21 0.72
C SER A 60 -10.35 0.39 1.22
N GLY A 61 -10.68 0.20 2.50
CA GLY A 61 -11.87 0.83 3.07
C GLY A 61 -13.11 0.37 2.33
N GLY A 62 -13.95 1.33 1.96
CA GLY A 62 -15.13 1.00 1.18
C GLY A 62 -14.95 0.81 -0.31
N ASP A 63 -13.74 1.02 -0.84
CA ASP A 63 -13.48 0.87 -2.27
C ASP A 63 -13.11 -0.57 -2.58
N TYR A 64 -13.46 -1.03 -3.79
CA TYR A 64 -13.16 -2.40 -4.22
C TYR A 64 -12.31 -2.33 -5.48
N TYR A 65 -11.03 -2.72 -5.37
CA TYR A 65 -10.18 -2.88 -6.55
C TYR A 65 -10.39 -4.28 -7.11
N ARG A 66 -10.73 -4.37 -8.39
CA ARG A 66 -11.15 -5.63 -8.99
C ARG A 66 -10.64 -5.73 -10.43
N ASN A 67 -10.59 -6.97 -10.93
CA ASN A 67 -10.34 -7.35 -12.33
C ASN A 67 -9.02 -6.79 -12.88
N PRO A 68 -7.89 -7.19 -12.32
CA PRO A 68 -6.61 -6.66 -12.78
C PRO A 68 -6.10 -7.33 -14.06
N VAL A 69 -5.32 -6.56 -14.81
CA VAL A 69 -4.63 -7.01 -16.03
C VAL A 69 -3.18 -6.53 -15.96
N ILE A 70 -2.24 -7.35 -16.45
CA ILE A 70 -0.83 -7.01 -16.33
C ILE A 70 -0.18 -6.98 -17.71
N VAL A 71 0.76 -6.04 -17.88
CA VAL A 71 1.46 -5.81 -19.15
C VAL A 71 2.95 -5.57 -18.88
N ALA A 72 3.81 -6.34 -19.54
CA ALA A 72 5.24 -6.03 -19.60
C ALA A 72 5.46 -5.00 -20.71
N LEU A 73 5.87 -3.80 -20.36
CA LEU A 73 5.93 -2.74 -21.36
C LEU A 73 7.22 -2.74 -22.16
N GLY A 74 8.26 -3.41 -21.69
CA GLY A 74 9.59 -3.29 -22.30
C GLY A 74 10.56 -2.99 -21.17
N GLY A 75 11.80 -3.46 -21.33
CA GLY A 75 12.78 -3.32 -20.26
C GLY A 75 12.28 -3.94 -18.98
N ALA A 76 12.52 -3.25 -17.86
CA ALA A 76 12.03 -3.68 -16.56
C ALA A 76 10.68 -3.05 -16.19
N ASN A 77 9.96 -2.49 -17.15
CA ASN A 77 8.72 -1.77 -16.88
C ASN A 77 7.49 -2.69 -16.88
N VAL A 78 6.66 -2.55 -15.85
CA VAL A 78 5.44 -3.35 -15.72
C VAL A 78 4.25 -2.44 -15.48
N LEU A 79 3.16 -2.70 -16.20
CA LEU A 79 1.90 -1.99 -16.01
C LEU A 79 0.85 -2.92 -15.43
N ILE A 80 0.14 -2.46 -14.39
CA ILE A 80 -1.06 -3.14 -13.90
C ILE A 80 -2.24 -2.19 -14.04
N VAL A 81 -3.32 -2.68 -14.67
CA VAL A 81 -4.57 -1.95 -14.83
C VAL A 81 -5.64 -2.70 -14.06
N THR A 82 -6.51 -1.95 -13.39
CA THR A 82 -7.48 -2.45 -12.41
C THR A 82 -8.70 -1.54 -12.47
N GLU A 83 -9.89 -2.07 -12.13
CA GLU A 83 -11.03 -1.19 -11.86
C GLU A 83 -11.12 -0.88 -10.37
N LYS A 84 -11.76 0.25 -10.06
CA LYS A 84 -11.91 0.71 -8.68
C LYS A 84 -13.36 1.14 -8.46
N ARG A 85 -14.12 0.31 -7.75
CA ARG A 85 -15.51 0.63 -7.44
C ARG A 85 -15.55 1.57 -6.25
N ILE A 86 -16.07 2.78 -6.46
CA ILE A 86 -15.93 3.86 -5.48
C ILE A 86 -16.96 3.70 -4.37
N ASN A 87 -16.49 3.33 -3.19
CA ASN A 87 -17.31 3.25 -1.97
C ASN A 87 -18.54 2.36 -2.13
N TYR A 88 -18.43 1.28 -2.89
CA TYR A 88 -19.54 0.33 -2.96
C TYR A 88 -19.04 -0.95 -3.64
N PRO A 89 -19.70 -2.08 -3.41
CA PRO A 89 -19.09 -3.37 -3.83
C PRO A 89 -19.31 -3.75 -5.29
N GLY A 90 -20.17 -3.07 -6.02
CA GLY A 90 -20.56 -3.52 -7.33
C GLY A 90 -22.01 -3.96 -7.36
N SER A 91 -22.48 -4.26 -8.57
CA SER A 91 -23.85 -4.70 -8.72
C SER A 91 -24.02 -6.07 -8.07
N ALA A 92 -25.29 -6.50 -7.96
CA ALA A 92 -25.59 -7.79 -7.35
C ALA A 92 -25.00 -8.95 -8.15
N ASN A 93 -24.82 -8.78 -9.45
CA ASN A 93 -24.14 -9.80 -10.23
C ASN A 93 -22.64 -9.48 -10.46
N ASP A 94 -22.05 -8.65 -9.58
CA ASP A 94 -20.58 -8.46 -9.49
C ASP A 94 -20.01 -7.70 -10.71
N ILE A 95 -20.73 -6.71 -11.19
CA ILE A 95 -20.26 -5.82 -12.25
C ILE A 95 -19.90 -4.48 -11.62
N GLY A 96 -18.80 -3.88 -12.08
CA GLY A 96 -18.41 -2.57 -11.57
C GLY A 96 -19.44 -1.47 -11.84
N VAL A 97 -19.64 -1.10 -13.10
CA VAL A 97 -20.65 -0.10 -13.41
C VAL A 97 -22.04 -0.68 -13.16
N ASN A 98 -22.97 0.20 -12.77
CA ASN A 98 -24.36 -0.20 -12.61
C ASN A 98 -25.32 0.91 -13.04
N GLY A 99 -24.84 1.86 -13.83
CA GLY A 99 -25.66 2.97 -14.26
C GLY A 99 -25.91 4.04 -13.21
N SER A 100 -25.25 3.99 -12.05
CA SER A 100 -25.38 5.10 -11.09
C SER A 100 -24.14 5.33 -10.21
N LYS A 101 -23.34 4.33 -9.96
CA LYS A 101 -22.25 4.59 -9.02
C LYS A 101 -20.95 4.97 -9.74
N PRO A 102 -20.08 5.77 -9.13
CA PRO A 102 -18.78 6.04 -9.75
C PRO A 102 -17.86 4.82 -9.68
N VAL A 103 -17.17 4.56 -10.79
CA VAL A 103 -16.16 3.50 -10.90
C VAL A 103 -15.03 4.03 -11.77
N SER A 104 -13.80 3.95 -11.27
CA SER A 104 -12.63 4.36 -12.03
C SER A 104 -11.90 3.14 -12.58
N ILE A 105 -11.06 3.38 -13.58
CA ILE A 105 -10.02 2.45 -13.97
C ILE A 105 -8.68 3.08 -13.66
N VAL A 106 -7.87 2.37 -12.86
CA VAL A 106 -6.62 2.90 -12.32
C VAL A 106 -5.44 2.12 -12.92
N TYR A 107 -4.25 2.71 -12.79
CA TYR A 107 -3.03 2.06 -13.27
C TYR A 107 -1.92 2.23 -12.24
N LEU A 108 -1.03 1.24 -12.23
CA LEU A 108 0.15 1.20 -11.40
C LEU A 108 1.33 0.87 -12.30
N LEU A 109 2.49 1.46 -12.02
CA LEU A 109 3.68 1.31 -12.85
C LEU A 109 4.87 0.91 -11.99
N SER A 110 5.66 -0.01 -12.51
CA SER A 110 6.94 -0.37 -11.92
C SER A 110 8.01 -0.23 -12.98
N SER A 111 9.16 0.28 -12.56
CA SER A 111 10.29 0.36 -13.44
C SER A 111 11.44 -0.53 -12.98
N ASP A 112 11.20 -1.44 -12.05
CA ASP A 112 12.22 -2.36 -11.57
C ASP A 112 11.70 -3.79 -11.55
N ALA A 113 10.99 -4.17 -12.62
CA ALA A 113 10.52 -5.54 -12.84
C ALA A 113 9.55 -5.97 -11.75
N GLY A 114 8.88 -5.02 -11.13
CA GLY A 114 7.87 -5.34 -10.15
C GLY A 114 8.33 -5.35 -8.72
N ASP A 115 9.60 -5.01 -8.44
CA ASP A 115 10.03 -4.83 -7.06
C ASP A 115 9.19 -3.76 -6.36
N ASN A 116 8.82 -2.70 -7.08
CA ASN A 116 8.10 -1.57 -6.50
C ASN A 116 7.13 -0.99 -7.52
N PHE A 117 5.88 -0.76 -7.08
CA PHE A 117 4.83 -0.17 -7.90
C PHE A 117 4.43 1.19 -7.33
N SER A 118 4.14 2.12 -8.24
CA SER A 118 3.57 3.40 -7.87
C SER A 118 2.19 3.20 -7.24
N SER A 119 1.76 4.19 -6.47
CA SER A 119 0.42 4.16 -5.90
C SER A 119 -0.62 4.30 -7.03
N PRO A 120 -1.74 3.57 -6.96
CA PRO A 120 -2.69 3.57 -8.09
C PRO A 120 -3.27 4.95 -8.36
N LEU A 121 -3.27 5.34 -9.64
CA LEU A 121 -3.82 6.59 -10.15
C LEU A 121 -4.97 6.32 -11.11
N PRO A 122 -6.06 7.10 -11.04
CA PRO A 122 -7.18 6.89 -11.96
C PRO A 122 -6.87 7.42 -13.35
N ILE A 123 -7.14 6.59 -14.36
CA ILE A 123 -7.06 7.05 -15.74
C ILE A 123 -8.09 8.15 -15.96
N GLY A 124 -7.61 9.36 -16.28
CA GLY A 124 -8.49 10.48 -16.55
C GLY A 124 -9.11 11.14 -15.35
N GLY A 125 -8.53 10.96 -14.17
CA GLY A 125 -9.15 11.54 -12.99
C GLY A 125 -10.19 10.61 -12.39
N GLU A 126 -10.38 10.74 -11.08
CA GLU A 126 -11.30 9.87 -10.37
C GLU A 126 -12.71 10.04 -10.91
N SER A 127 -13.39 8.92 -11.16
CA SER A 127 -14.80 8.95 -11.55
C SER A 127 -15.63 9.62 -10.47
N THR A 128 -16.65 10.38 -10.90
CA THR A 128 -17.55 11.07 -9.97
C THR A 128 -19.02 10.75 -10.19
N SER A 129 -19.40 10.11 -11.29
CA SER A 129 -20.82 9.87 -11.53
C SER A 129 -20.98 8.71 -12.50
N ALA A 130 -22.23 8.32 -12.71
CA ALA A 130 -22.52 7.26 -13.67
C ALA A 130 -22.08 7.64 -15.06
N ASP A 131 -22.06 8.93 -15.39
CA ASP A 131 -21.76 9.31 -16.76
C ASP A 131 -20.29 9.19 -17.11
N ASN A 132 -19.39 9.17 -16.13
CA ASN A 132 -17.98 8.92 -16.41
C ASN A 132 -17.46 7.63 -15.77
N ALA A 133 -18.33 6.76 -15.29
CA ALA A 133 -17.86 5.49 -14.71
C ALA A 133 -17.50 4.47 -15.80
N VAL A 134 -16.42 3.73 -15.56
CA VAL A 134 -15.91 2.73 -16.50
C VAL A 134 -15.39 1.55 -15.69
N SER A 135 -15.55 0.34 -16.22
CA SER A 135 -15.08 -0.86 -15.53
C SER A 135 -14.79 -1.97 -16.54
N ALA A 136 -14.29 -3.10 -16.02
CA ALA A 136 -13.96 -4.31 -16.76
C ALA A 136 -13.00 -4.05 -17.91
N PRO A 137 -11.78 -3.59 -17.63
CA PRO A 137 -10.88 -3.14 -18.71
C PRO A 137 -10.32 -4.29 -19.54
N VAL A 138 -10.36 -4.11 -20.86
CA VAL A 138 -9.66 -4.98 -21.81
C VAL A 138 -8.48 -4.20 -22.35
N VAL A 139 -7.27 -4.76 -22.17
CA VAL A 139 -6.02 -4.01 -22.31
C VAL A 139 -5.23 -4.62 -23.46
N TYR A 140 -4.87 -3.80 -24.43
CA TYR A 140 -4.11 -4.23 -25.59
C TYR A 140 -2.75 -3.53 -25.58
N TYR A 141 -1.68 -4.25 -25.93
CA TYR A 141 -0.38 -3.62 -26.05
C TYR A 141 0.56 -4.44 -26.91
N LYS A 142 1.24 -3.76 -27.84
CA LYS A 142 2.40 -4.31 -28.54
C LYS A 142 3.67 -3.50 -28.24
N LYS A 143 3.70 -2.17 -28.47
CA LYS A 143 4.92 -1.50 -28.03
C LYS A 143 4.91 -0.02 -27.63
N ASP A 144 4.13 0.86 -28.24
CA ASP A 144 4.22 2.26 -27.82
C ASP A 144 2.93 2.82 -27.25
N LYS A 145 1.82 2.09 -27.41
CA LYS A 145 0.51 2.58 -27.07
C LYS A 145 -0.24 1.46 -26.37
N VAL A 146 -0.83 1.79 -25.22
CA VAL A 146 -1.71 0.90 -24.49
C VAL A 146 -3.13 1.34 -24.79
N TYR A 147 -3.98 0.40 -25.17
CA TYR A 147 -5.38 0.68 -25.45
C TYR A 147 -6.23 -0.02 -24.40
N VAL A 148 -7.09 0.74 -23.73
CA VAL A 148 -8.02 0.18 -22.74
C VAL A 148 -9.43 0.42 -23.24
N ILE A 149 -10.18 -0.65 -23.44
CA ILE A 149 -11.59 -0.56 -23.78
C ILE A 149 -12.38 -1.07 -22.58
N ALA A 150 -13.38 -0.30 -22.18
CA ALA A 150 -14.06 -0.52 -20.90
C ALA A 150 -15.56 -0.54 -21.11
N SER A 151 -16.24 -1.25 -20.22
CA SER A 151 -17.69 -1.11 -20.08
C SER A 151 -17.99 0.24 -19.45
N ALA A 152 -19.14 0.81 -19.84
CA ALA A 152 -19.59 2.09 -19.29
C ALA A 152 -21.11 2.10 -19.26
N GLY A 153 -21.66 3.19 -18.71
CA GLY A 153 -23.10 3.24 -18.48
C GLY A 153 -23.58 2.04 -17.68
N ALA A 154 -24.49 1.24 -18.26
CA ALA A 154 -25.08 0.10 -17.56
C ALA A 154 -24.20 -1.15 -17.54
N GLY A 155 -23.21 -1.25 -18.42
CA GLY A 155 -22.47 -2.51 -18.49
C GLY A 155 -23.42 -3.67 -18.72
N ILE A 156 -23.09 -4.83 -18.16
CA ILE A 156 -24.01 -5.96 -18.17
C ILE A 156 -24.56 -6.18 -16.76
N SER A 157 -24.61 -5.12 -15.96
CA SER A 157 -25.18 -5.21 -14.62
C SER A 157 -26.67 -5.55 -14.67
N ARG A 158 -27.10 -6.37 -13.71
CA ARG A 158 -28.52 -6.66 -13.47
C ARG A 158 -29.01 -5.80 -12.31
N THR A 159 -30.09 -5.06 -12.54
CA THR A 159 -30.62 -4.16 -11.51
C THR A 159 -32.12 -4.39 -11.33
N ASP A 160 -32.79 -3.39 -10.74
CA ASP A 160 -34.22 -3.42 -10.52
C ASP A 160 -35.02 -3.17 -11.79
N GLN A 161 -34.42 -2.56 -12.81
CA GLN A 161 -35.12 -2.17 -14.03
C GLN A 161 -34.88 -3.15 -15.18
N ASP A 162 -35.92 -3.37 -15.98
CA ASP A 162 -35.71 -3.97 -17.30
C ASP A 162 -34.75 -3.07 -18.08
N TYR A 163 -33.88 -3.71 -18.86
CA TYR A 163 -32.88 -2.97 -19.63
C TYR A 163 -33.51 -1.87 -20.48
N SER A 164 -34.66 -2.16 -21.11
CA SER A 164 -35.28 -1.18 -21.99
C SER A 164 -35.69 0.10 -21.28
N ALA A 165 -35.83 0.07 -19.95
CA ALA A 165 -36.23 1.24 -19.19
C ALA A 165 -35.08 2.00 -18.59
N ARG A 166 -33.86 1.47 -18.61
CA ARG A 166 -32.75 2.10 -17.93
C ARG A 166 -32.25 3.32 -18.70
N ASN A 167 -31.82 4.37 -17.98
CA ASN A 167 -31.48 5.51 -18.82
C ASN A 167 -30.01 5.44 -19.19
N PRO A 168 -29.06 5.42 -18.25
CA PRO A 168 -27.74 4.99 -18.69
C PRO A 168 -27.94 3.57 -19.19
N LYS A 169 -27.92 3.39 -20.50
CA LYS A 169 -27.91 2.06 -21.07
C LYS A 169 -26.45 1.61 -21.20
N SER A 170 -26.21 0.50 -21.91
CA SER A 170 -24.84 0.02 -22.08
C SER A 170 -24.06 0.94 -23.02
N MET A 171 -22.77 1.07 -22.76
CA MET A 171 -21.85 1.86 -23.57
C MET A 171 -20.47 1.20 -23.50
N LEU A 172 -19.65 1.44 -24.54
CA LEU A 172 -18.22 1.15 -24.52
C LEU A 172 -17.46 2.47 -24.55
N LYS A 173 -16.38 2.55 -23.78
CA LYS A 173 -15.50 3.72 -23.80
C LYS A 173 -14.05 3.25 -23.82
N TYR A 174 -13.17 4.11 -24.33
CA TYR A 174 -11.77 3.74 -24.48
C TYR A 174 -10.87 4.91 -24.13
N SER A 175 -9.65 4.55 -23.72
CA SER A 175 -8.58 5.49 -23.48
C SER A 175 -7.30 4.93 -24.07
N VAL A 176 -6.44 5.82 -24.55
CA VAL A 176 -5.18 5.43 -25.16
C VAL A 176 -4.05 5.97 -24.30
N GLY A 177 -3.15 5.09 -23.87
CA GLY A 177 -2.00 5.47 -23.09
C GLY A 177 -0.75 5.50 -23.96
N THR A 178 -0.15 6.68 -24.06
CA THR A 178 1.08 6.87 -24.84
C THR A 178 2.29 6.62 -23.93
N VAL A 179 3.10 5.63 -24.30
CA VAL A 179 4.19 5.15 -23.46
C VAL A 179 5.48 5.82 -23.91
N THR A 180 6.22 6.41 -22.98
CA THR A 180 7.51 6.99 -23.26
C THR A 180 8.57 6.28 -22.44
N GLY A 181 9.72 6.02 -23.05
CA GLY A 181 10.86 5.50 -22.32
C GLY A 181 10.79 4.04 -21.93
N ALA A 182 10.09 3.21 -22.71
CA ALA A 182 9.93 1.81 -22.33
C ALA A 182 11.27 1.07 -22.23
N ASP A 183 12.33 1.63 -22.81
CA ASP A 183 13.67 1.08 -22.65
C ASP A 183 14.47 1.76 -21.53
N ASN A 184 13.90 2.71 -20.79
CA ASN A 184 14.57 3.20 -19.58
C ASN A 184 13.54 3.04 -18.46
N LYS A 185 13.19 4.10 -17.74
CA LYS A 185 12.07 3.72 -16.91
C LYS A 185 10.74 4.41 -17.26
N ALA A 186 10.10 3.92 -18.32
CA ALA A 186 8.77 4.29 -18.85
C ALA A 186 7.86 5.19 -18.02
N SER A 187 7.15 6.05 -18.74
CA SER A 187 6.06 6.85 -18.23
C SER A 187 4.92 6.71 -19.23
N ILE A 188 3.70 6.92 -18.75
CA ILE A 188 2.50 6.83 -19.57
C ILE A 188 1.63 8.06 -19.32
N GLN A 189 1.01 8.56 -20.38
N GLN A 189 1.03 8.59 -20.38
CA GLN A 189 0.00 9.62 -20.31
CA GLN A 189 -0.02 9.57 -20.24
C GLN A 189 -1.23 9.14 -21.07
C GLN A 189 -1.22 9.11 -21.04
N TRP A 190 -2.39 9.22 -20.42
CA TRP A 190 -3.63 8.68 -20.97
C TRP A 190 -4.45 9.77 -21.64
N SER A 191 -5.07 9.44 -22.76
CA SER A 191 -6.01 10.35 -23.43
C SER A 191 -7.34 10.42 -22.67
N GLU A 192 -8.15 11.41 -23.05
CA GLU A 192 -9.50 11.53 -22.51
C GLU A 192 -10.32 10.29 -22.87
N TRP A 193 -11.17 9.87 -21.94
CA TRP A 193 -12.09 8.79 -22.26
C TRP A 193 -13.03 9.24 -23.37
N LYS A 194 -13.16 8.41 -24.41
CA LYS A 194 -14.09 8.68 -25.51
C LYS A 194 -15.00 7.47 -25.73
N GLU A 195 -16.22 7.74 -26.20
CA GLU A 195 -17.17 6.67 -26.47
C GLU A 195 -16.82 5.91 -27.74
N LEU A 196 -16.94 4.60 -27.70
CA LEU A 196 -16.71 3.74 -28.86
C LEU A 196 -18.08 3.23 -29.31
N SER A 197 -18.60 3.82 -30.37
CA SER A 197 -19.99 3.60 -30.75
C SER A 197 -20.18 2.19 -31.32
N VAL A 198 -21.29 1.57 -30.94
CA VAL A 198 -21.71 0.28 -31.47
C VAL A 198 -22.90 0.44 -32.42
N SER A 199 -23.23 1.67 -32.79
CA SER A 199 -24.34 1.90 -33.71
C SER A 199 -24.11 1.14 -35.00
N GLY A 200 -25.12 0.40 -35.42
CA GLY A 200 -24.98 -0.43 -36.60
C GLY A 200 -24.24 -1.73 -36.37
N LYS A 201 -23.74 -1.97 -35.16
CA LYS A 201 -23.09 -3.23 -34.85
C LYS A 201 -23.90 -4.06 -33.85
N ILE A 202 -24.37 -3.43 -32.79
CA ILE A 202 -25.19 -4.10 -31.79
C ILE A 202 -26.53 -3.36 -31.75
N GLY A 203 -27.64 -4.11 -31.88
CA GLY A 203 -28.96 -3.50 -31.83
C GLY A 203 -29.37 -3.04 -30.45
N GLU A 204 -30.36 -2.12 -30.42
CA GLU A 204 -30.98 -1.67 -29.15
C GLU A 204 -31.93 -2.79 -28.69
N ASN A 205 -32.26 -2.81 -27.42
CA ASN A 205 -31.89 -4.04 -26.72
C ASN A 205 -30.64 -4.76 -26.60
N VAL A 206 -29.54 -4.64 -27.29
CA VAL A 206 -28.67 -5.67 -26.77
C VAL A 206 -27.93 -4.98 -25.62
N GLN A 207 -28.17 -5.50 -24.41
CA GLN A 207 -27.38 -5.10 -23.27
C GLN A 207 -26.03 -5.76 -23.49
N PHE A 208 -24.97 -4.99 -23.35
CA PHE A 208 -23.66 -5.48 -23.77
C PHE A 208 -22.60 -4.86 -22.87
N GLY A 209 -21.40 -5.43 -22.93
CA GLY A 209 -20.29 -4.90 -22.18
C GLY A 209 -18.99 -5.60 -22.52
N THR A 210 -18.00 -5.41 -21.65
CA THR A 210 -16.72 -6.07 -21.76
C THR A 210 -16.51 -7.00 -20.57
N HIS A 211 -15.57 -7.91 -20.75
CA HIS A 211 -15.13 -8.85 -19.74
C HIS A 211 -13.62 -8.67 -19.65
N SER A 212 -13.13 -8.41 -18.43
CA SER A 212 -11.74 -8.02 -18.20
C SER A 212 -10.74 -8.98 -18.82
N GLY A 213 -9.64 -8.45 -19.34
CA GLY A 213 -8.52 -9.31 -19.72
C GLY A 213 -7.52 -8.62 -20.62
N ARG A 214 -6.45 -9.36 -20.92
CA ARG A 214 -5.48 -8.93 -21.92
C ARG A 214 -6.03 -9.22 -23.31
N GLY A 215 -6.17 -8.17 -24.14
CA GLY A 215 -6.77 -8.35 -25.45
C GLY A 215 -5.80 -8.91 -26.49
N ILE A 216 -6.37 -9.55 -27.49
CA ILE A 216 -5.59 -10.13 -28.59
C ILE A 216 -5.33 -9.08 -29.66
N ILE A 217 -4.07 -8.98 -30.09
CA ILE A 217 -3.71 -8.25 -31.29
C ILE A 217 -3.25 -9.29 -32.31
N ALA A 218 -3.75 -9.16 -33.54
CA ALA A 218 -3.47 -10.14 -34.58
C ALA A 218 -1.99 -10.06 -35.02
N SER A 219 -1.62 -11.00 -35.90
CA SER A 219 -0.23 -11.15 -36.32
C SER A 219 0.32 -9.90 -37.02
N ASP A 220 -0.55 -9.07 -37.62
CA ASP A 220 -0.13 -7.83 -38.26
C ASP A 220 0.26 -6.73 -37.28
N GLY A 221 0.12 -6.94 -35.97
CA GLY A 221 0.48 -5.91 -35.01
C GLY A 221 -0.47 -4.73 -34.91
N THR A 222 -1.51 -4.64 -35.75
CA THR A 222 -2.38 -3.47 -35.72
C THR A 222 -3.86 -3.79 -35.56
N THR A 223 -4.31 -5.00 -35.82
CA THR A 223 -5.73 -5.35 -35.73
C THR A 223 -6.03 -5.95 -34.36
N MET A 224 -6.79 -5.23 -33.53
CA MET A 224 -7.23 -5.76 -32.25
C MET A 224 -8.55 -6.52 -32.37
N VAL A 225 -8.67 -7.59 -31.60
CA VAL A 225 -9.91 -8.33 -31.52
C VAL A 225 -10.73 -7.80 -30.35
N LEU A 226 -11.88 -7.21 -30.65
CA LEU A 226 -12.76 -6.67 -29.62
C LEU A 226 -13.85 -7.68 -29.32
N PRO A 227 -13.88 -8.26 -28.14
CA PRO A 227 -15.01 -9.14 -27.80
C PRO A 227 -16.07 -8.39 -27.04
N ILE A 228 -17.25 -8.26 -27.62
CA ILE A 228 -18.38 -7.62 -26.96
C ILE A 228 -19.24 -8.71 -26.33
N ILE A 229 -19.32 -8.70 -25.00
CA ILE A 229 -20.20 -9.62 -24.29
C ILE A 229 -21.64 -9.12 -24.40
N THR A 230 -22.56 -10.02 -24.75
CA THR A 230 -23.99 -9.72 -24.76
C THR A 230 -24.69 -10.52 -23.68
N ALA A 231 -25.76 -9.95 -23.13
CA ALA A 231 -26.48 -10.60 -22.02
C ALA A 231 -27.94 -10.15 -21.99
N GLU A 232 -28.85 -11.12 -21.87
CA GLU A 232 -30.23 -10.84 -21.47
C GLU A 232 -30.28 -11.13 -19.97
N GLN A 233 -30.41 -10.06 -19.18
CA GLN A 233 -30.25 -10.15 -17.73
C GLN A 233 -31.57 -10.10 -16.97
N GLY A 234 -32.69 -9.84 -17.63
CA GLY A 234 -33.91 -9.62 -16.88
C GLY A 234 -33.71 -8.54 -15.84
N LYS A 235 -34.31 -8.72 -14.67
CA LYS A 235 -34.24 -7.76 -13.58
C LYS A 235 -34.41 -8.50 -12.27
N ASN A 236 -34.10 -7.81 -11.16
CA ASN A 236 -34.35 -8.36 -9.83
C ASN A 236 -35.83 -8.74 -9.71
N GLY A 237 -36.12 -9.96 -9.31
CA GLY A 237 -37.48 -10.46 -9.27
C GLY A 237 -37.89 -11.24 -10.51
N ALA A 238 -37.13 -11.14 -11.59
CA ALA A 238 -37.35 -11.92 -12.80
C ALA A 238 -36.01 -12.02 -13.54
N ALA A 239 -35.04 -12.66 -12.89
CA ALA A 239 -33.68 -12.67 -13.39
C ALA A 239 -33.54 -13.62 -14.59
N LYS A 240 -32.68 -13.23 -15.52
CA LYS A 240 -32.22 -14.07 -16.62
C LYS A 240 -30.71 -13.90 -16.69
N GLU A 241 -30.06 -14.84 -17.38
CA GLU A 241 -28.64 -14.66 -17.68
C GLU A 241 -28.31 -15.43 -18.96
N MET A 242 -28.90 -15.05 -20.09
CA MET A 242 -28.62 -15.72 -21.36
C MET A 242 -27.52 -14.92 -22.07
N MET A 243 -26.33 -15.50 -22.13
CA MET A 243 -25.17 -14.74 -22.56
C MET A 243 -24.64 -15.21 -23.92
N GLY A 244 -23.85 -14.33 -24.53
CA GLY A 244 -23.31 -14.54 -25.86
C GLY A 244 -22.20 -13.54 -26.11
N ALA A 245 -21.75 -13.48 -27.36
CA ALA A 245 -20.64 -12.58 -27.66
C ALA A 245 -20.61 -12.27 -29.14
N GLU A 246 -20.00 -11.13 -29.47
CA GLU A 246 -19.68 -10.75 -30.84
C GLU A 246 -18.23 -10.26 -30.90
N PHE A 247 -17.49 -10.71 -31.91
CA PHE A 247 -16.10 -10.35 -32.10
C PHE A 247 -15.93 -9.42 -33.29
N TYR A 248 -15.18 -8.32 -33.09
CA TYR A 248 -14.98 -7.29 -34.10
C TYR A 248 -13.50 -6.93 -34.23
N LYS A 249 -13.12 -6.58 -35.45
CA LYS A 249 -11.82 -5.98 -35.71
C LYS A 249 -11.81 -4.52 -35.29
N VAL A 250 -10.73 -4.08 -34.64
CA VAL A 250 -10.51 -2.66 -34.33
C VAL A 250 -9.06 -2.30 -34.66
N THR A 251 -8.85 -1.33 -35.54
CA THR A 251 -7.51 -0.94 -35.94
C THR A 251 -6.88 -0.05 -34.87
N ALA A 252 -5.68 -0.44 -34.42
CA ALA A 252 -4.96 0.37 -33.44
C ALA A 252 -4.74 1.78 -33.96
N ASN A 253 -5.16 2.76 -33.17
CA ASN A 253 -5.16 4.15 -33.59
C ASN A 253 -5.54 5.01 -32.40
N ASP A 254 -5.15 6.28 -32.44
CA ASP A 254 -5.50 7.21 -31.36
C ASP A 254 -7.00 7.45 -31.30
N THR A 255 -7.68 7.34 -32.44
CA THR A 255 -9.14 7.31 -32.50
C THR A 255 -9.53 5.88 -32.87
N LEU A 256 -10.38 5.28 -32.07
CA LEU A 256 -10.79 3.90 -32.30
C LEU A 256 -12.17 3.90 -32.92
N THR A 257 -12.40 2.97 -33.86
CA THR A 257 -13.74 2.75 -34.42
C THR A 257 -13.90 1.26 -34.64
N ILE A 258 -15.14 0.77 -34.55
CA ILE A 258 -15.39 -0.65 -34.71
C ILE A 258 -15.48 -1.00 -36.20
N GLY A 259 -14.66 -1.96 -36.61
CA GLY A 259 -14.57 -2.44 -37.99
C GLY A 259 -15.40 -3.69 -38.22
N GLU A 260 -14.89 -4.57 -39.07
CA GLU A 260 -15.63 -5.73 -39.55
C GLU A 260 -15.91 -6.76 -38.45
N LYS A 261 -17.09 -7.35 -38.51
CA LYS A 261 -17.40 -8.49 -37.66
C LYS A 261 -16.53 -9.69 -38.02
N ILE A 262 -16.14 -10.46 -37.00
CA ILE A 262 -15.42 -11.71 -37.20
C ILE A 262 -16.40 -12.85 -36.95
N GLY A 263 -16.74 -13.58 -38.03
CA GLY A 263 -17.56 -14.78 -37.88
C GLY A 263 -18.99 -14.50 -37.44
N GLN A 264 -19.54 -15.44 -36.68
CA GLN A 264 -20.94 -15.44 -36.26
C GLN A 264 -21.13 -14.80 -34.88
N THR A 265 -22.34 -14.31 -34.65
CA THR A 265 -22.78 -14.00 -33.30
C THR A 265 -22.87 -15.27 -32.49
N VAL A 266 -22.17 -15.32 -31.35
CA VAL A 266 -22.19 -16.48 -30.46
C VAL A 266 -23.34 -16.32 -29.47
N LYS A 267 -24.14 -17.38 -29.31
CA LYS A 267 -25.20 -17.43 -28.30
C LYS A 267 -25.17 -18.77 -27.61
N PHE A 268 -25.03 -18.76 -26.29
CA PHE A 268 -24.98 -20.00 -25.52
C PHE A 268 -26.38 -20.46 -25.15
N ALA A 269 -26.53 -21.76 -25.00
CA ALA A 269 -27.82 -22.39 -24.78
C ALA A 269 -28.13 -22.50 -23.28
N GLN A 270 -29.43 -22.62 -23.00
CA GLN A 270 -29.90 -22.83 -21.64
C GLN A 270 -29.13 -23.96 -20.96
N GLY A 271 -28.72 -23.72 -19.73
CA GLY A 271 -28.07 -24.73 -18.93
C GLY A 271 -29.07 -25.56 -18.16
N SER A 272 -28.56 -26.41 -17.28
CA SER A 272 -29.40 -27.32 -16.51
C SER A 272 -29.79 -26.74 -15.15
N GLY A 273 -29.70 -25.42 -14.97
CA GLY A 273 -30.06 -24.80 -13.71
C GLY A 273 -31.28 -23.91 -13.81
N THR A 274 -31.22 -22.71 -13.19
CA THR A 274 -32.31 -21.75 -13.26
C THR A 274 -32.70 -21.50 -14.71
N SER A 275 -34.01 -21.47 -14.96
CA SER A 275 -34.50 -21.22 -16.31
C SER A 275 -34.05 -19.84 -16.79
N GLY A 276 -33.60 -19.77 -18.03
CA GLY A 276 -33.08 -18.51 -18.54
C GLY A 276 -31.62 -18.23 -18.23
N PHE A 277 -30.89 -19.20 -17.66
CA PHE A 277 -29.47 -19.06 -17.40
C PHE A 277 -28.72 -19.98 -18.37
N SER A 278 -27.78 -19.41 -19.13
CA SER A 278 -27.09 -20.20 -20.14
C SER A 278 -25.95 -21.00 -19.52
N LYS A 279 -25.58 -22.08 -20.22
CA LYS A 279 -24.59 -23.03 -19.70
C LYS A 279 -23.21 -22.39 -19.53
N TYR A 280 -22.89 -21.41 -20.37
CA TYR A 280 -21.64 -20.67 -20.30
C TYR A 280 -21.96 -19.19 -20.14
N LYS A 281 -21.01 -18.43 -19.62
CA LYS A 281 -21.23 -16.99 -19.47
C LYS A 281 -20.30 -16.23 -20.41
N GLU A 282 -19.28 -15.56 -19.88
CA GLU A 282 -18.42 -14.69 -20.69
C GLU A 282 -17.45 -15.53 -21.53
N ALA A 283 -17.35 -15.19 -22.82
CA ALA A 283 -16.39 -15.80 -23.74
C ALA A 283 -15.20 -14.87 -23.88
N LYS A 284 -13.99 -15.43 -23.80
CA LYS A 284 -12.80 -14.63 -23.85
C LYS A 284 -11.88 -15.22 -24.92
N PRO A 285 -11.44 -14.41 -25.88
CA PRO A 285 -10.58 -14.92 -26.96
C PRO A 285 -9.27 -15.44 -26.41
N ILE A 286 -8.84 -16.59 -26.94
CA ILE A 286 -7.49 -17.11 -26.69
C ILE A 286 -6.64 -17.18 -27.95
N ALA A 287 -7.22 -17.06 -29.14
CA ALA A 287 -6.47 -17.14 -30.38
C ALA A 287 -7.26 -16.48 -31.49
N TYR A 288 -6.53 -15.95 -32.48
CA TYR A 288 -7.12 -15.39 -33.68
C TYR A 288 -6.15 -15.64 -34.83
N ASP A 289 -6.62 -16.32 -35.88
CA ASP A 289 -5.75 -16.68 -37.00
C ASP A 289 -6.05 -15.86 -38.25
N ASN A 290 -6.67 -14.70 -38.10
CA ASN A 290 -7.15 -13.81 -39.15
C ASN A 290 -8.41 -14.33 -39.82
N THR A 291 -8.89 -15.53 -39.48
CA THR A 291 -10.17 -16.02 -40.00
C THR A 291 -11.22 -16.20 -38.91
N LYS A 292 -10.90 -16.94 -37.84
CA LYS A 292 -11.82 -17.15 -36.74
C LYS A 292 -11.15 -16.87 -35.39
N VAL A 293 -11.98 -16.45 -34.44
CA VAL A 293 -11.56 -16.28 -33.05
C VAL A 293 -11.86 -17.59 -32.33
N THR A 294 -10.86 -18.15 -31.64
CA THR A 294 -11.08 -19.26 -30.73
C THR A 294 -11.22 -18.70 -29.31
N TYR A 295 -12.22 -19.17 -28.57
CA TYR A 295 -12.51 -18.62 -27.25
C TYR A 295 -12.61 -19.73 -26.21
N PHE A 296 -12.27 -19.37 -24.97
CA PHE A 296 -12.61 -20.14 -23.78
C PHE A 296 -13.81 -19.46 -23.12
N ALA A 297 -14.81 -20.24 -22.72
CA ALA A 297 -16.00 -19.70 -22.06
C ALA A 297 -16.11 -20.27 -20.65
N VAL A 298 -16.43 -19.42 -19.68
CA VAL A 298 -16.52 -19.84 -18.28
C VAL A 298 -17.85 -20.55 -18.04
N PRO A 299 -17.84 -21.64 -17.28
CA PRO A 299 -19.09 -22.37 -17.02
C PRO A 299 -19.95 -21.62 -16.03
N ASN A 300 -21.26 -21.60 -16.27
CA ASN A 300 -22.18 -21.00 -15.32
C ASN A 300 -22.25 -21.84 -14.05
N PRO A 301 -21.95 -21.29 -12.87
CA PRO A 301 -22.09 -22.09 -11.64
C PRO A 301 -23.52 -22.48 -11.37
N ASP A 302 -24.46 -21.81 -12.02
CA ASP A 302 -25.89 -22.12 -11.98
C ASP A 302 -26.24 -22.78 -13.32
N GLY A 303 -26.05 -24.10 -13.40
CA GLY A 303 -26.46 -24.88 -14.55
C GLY A 303 -25.35 -25.32 -15.48
N GLY A 304 -24.09 -25.03 -15.20
CA GLY A 304 -22.99 -25.49 -16.02
C GLY A 304 -22.40 -26.78 -15.49
N ASP A 305 -21.30 -27.20 -16.11
CA ASP A 305 -20.65 -28.46 -15.76
C ASP A 305 -19.31 -28.30 -15.06
N GLY A 306 -18.97 -27.10 -14.57
CA GLY A 306 -17.72 -26.92 -13.88
C GLY A 306 -16.46 -26.95 -14.73
N LYS A 307 -16.58 -27.01 -16.07
CA LYS A 307 -15.41 -27.06 -16.95
C LYS A 307 -15.43 -25.87 -17.91
N MET A 308 -14.23 -25.38 -18.24
CA MET A 308 -14.12 -24.36 -19.28
C MET A 308 -14.63 -24.91 -20.60
N GLY A 309 -15.31 -24.07 -21.38
CA GLY A 309 -15.77 -24.44 -22.70
C GLY A 309 -14.89 -23.84 -23.79
N LYS A 310 -14.73 -24.57 -24.89
CA LYS A 310 -13.93 -24.11 -26.01
C LYS A 310 -14.77 -24.10 -27.27
N GLY A 311 -14.80 -22.97 -27.96
CA GLY A 311 -15.54 -22.81 -29.19
C GLY A 311 -14.85 -21.79 -30.08
N ASP A 312 -15.48 -21.48 -31.20
CA ASP A 312 -14.91 -20.45 -32.04
C ASP A 312 -16.02 -19.75 -32.81
N SER A 313 -15.64 -18.68 -33.49
CA SER A 313 -16.59 -17.80 -34.16
C SER A 313 -17.12 -18.36 -35.47
N GLY A 314 -16.78 -19.61 -35.80
CA GLY A 314 -17.31 -20.23 -37.01
C GLY A 314 -18.79 -20.56 -36.96
N ALA A 315 -19.35 -20.76 -35.77
CA ALA A 315 -20.76 -21.06 -35.62
C ALA A 315 -21.34 -20.28 -34.46
N GLU A 316 -22.67 -20.21 -34.42
CA GLU A 316 -23.34 -19.55 -33.31
C GLU A 316 -23.04 -20.24 -31.98
N ASN A 317 -22.94 -21.57 -31.99
CA ASN A 317 -22.72 -22.32 -30.76
C ASN A 317 -22.04 -23.66 -31.03
N ASN A 318 -20.72 -23.67 -31.20
CA ASN A 318 -19.98 -24.91 -31.33
C ASN A 318 -19.12 -25.19 -30.10
N VAL A 319 -19.42 -24.57 -28.96
CA VAL A 319 -18.58 -24.75 -27.79
C VAL A 319 -18.66 -26.19 -27.33
N THR A 320 -17.53 -26.73 -26.88
CA THR A 320 -17.47 -28.08 -26.34
C THR A 320 -16.75 -28.05 -25.00
N SER A 321 -17.11 -29.00 -24.14
CA SER A 321 -16.47 -29.12 -22.83
C SER A 321 -15.00 -29.49 -22.98
N THR A 322 -14.17 -28.85 -22.20
CA THR A 322 -12.79 -29.26 -22.01
C THR A 322 -12.67 -30.06 -20.71
N THR A 323 -11.45 -30.46 -20.38
CA THR A 323 -11.16 -31.07 -19.09
C THR A 323 -10.56 -30.08 -18.10
N ILE A 324 -10.51 -28.80 -18.44
CA ILE A 324 -9.97 -27.78 -17.53
C ILE A 324 -11.07 -27.36 -16.56
N PRO A 325 -10.91 -27.61 -15.25
CA PRO A 325 -11.90 -27.09 -14.29
C PRO A 325 -11.91 -25.57 -14.29
N GLY A 326 -13.09 -24.99 -14.13
CA GLY A 326 -13.21 -23.53 -14.20
C GLY A 326 -14.45 -23.05 -13.49
N SER A 327 -14.51 -21.73 -13.32
CA SER A 327 -15.66 -21.07 -12.71
C SER A 327 -15.71 -19.61 -13.21
N GLU A 328 -16.48 -18.77 -12.50
CA GLU A 328 -16.65 -17.38 -12.89
C GLU A 328 -15.35 -16.59 -12.76
N GLY A 329 -15.21 -15.53 -13.56
CA GLY A 329 -14.06 -14.64 -13.49
C GLY A 329 -13.25 -14.65 -14.78
N SER A 330 -12.20 -13.82 -14.80
CA SER A 330 -11.32 -13.68 -15.97
C SER A 330 -10.06 -14.52 -15.77
N PHE A 331 -9.85 -15.52 -16.63
CA PHE A 331 -8.67 -16.34 -16.51
C PHE A 331 -7.45 -15.63 -17.09
N GLY A 332 -6.27 -16.03 -16.63
CA GLY A 332 -5.02 -15.63 -17.24
C GLY A 332 -4.55 -16.60 -18.32
N PHE A 333 -3.88 -16.07 -19.34
CA PHE A 333 -3.55 -16.89 -20.51
C PHE A 333 -2.39 -16.23 -21.23
N LEU A 334 -1.28 -16.96 -21.39
CA LEU A 334 -0.12 -16.47 -22.11
C LEU A 334 0.37 -17.55 -23.06
N LYS A 335 0.47 -17.22 -24.34
CA LYS A 335 1.03 -18.10 -25.36
C LYS A 335 2.45 -17.64 -25.62
N LEU A 336 3.42 -18.54 -25.46
CA LEU A 336 4.82 -18.28 -25.79
C LEU A 336 5.16 -19.02 -27.08
N THR A 337 5.81 -18.32 -28.00
CA THR A 337 6.16 -18.88 -29.31
C THR A 337 7.66 -19.14 -29.33
N GLY A 338 8.04 -20.39 -29.15
CA GLY A 338 9.45 -20.79 -29.17
C GLY A 338 10.30 -20.18 -28.06
N SER A 339 9.67 -19.58 -27.05
CA SER A 339 10.40 -18.83 -26.03
C SER A 339 10.22 -19.42 -24.64
N TRP A 340 9.72 -20.65 -24.54
CA TRP A 340 9.64 -21.38 -23.28
C TRP A 340 10.81 -22.35 -23.19
N TYR A 341 11.67 -22.16 -22.18
CA TYR A 341 12.80 -23.03 -21.89
C TYR A 341 12.57 -23.94 -20.69
N GLY A 342 11.47 -23.75 -19.95
CA GLY A 342 11.13 -24.62 -18.84
C GLY A 342 12.26 -24.83 -17.85
N ALA A 343 12.64 -26.08 -17.64
CA ALA A 343 13.73 -26.38 -16.71
C ALA A 343 15.13 -26.23 -17.33
N ASN A 344 15.24 -25.96 -18.63
CA ASN A 344 16.54 -25.90 -19.29
C ASN A 344 17.18 -24.53 -19.14
N GLN A 345 18.51 -24.51 -19.12
CA GLN A 345 19.25 -23.26 -19.00
C GLN A 345 18.97 -22.35 -20.21
N TYR A 346 18.95 -21.04 -19.98
CA TYR A 346 18.90 -20.08 -21.06
C TYR A 346 19.60 -18.80 -20.62
N ASP A 347 19.89 -17.94 -21.59
CA ASP A 347 20.58 -16.69 -21.32
C ASP A 347 19.56 -15.56 -21.17
N PRO A 348 19.30 -15.05 -19.96
CA PRO A 348 18.29 -13.99 -19.81
C PRO A 348 18.63 -12.68 -20.51
N SER A 349 19.91 -12.35 -20.72
CA SER A 349 20.22 -11.15 -21.50
C SER A 349 19.87 -11.36 -22.96
N LYS A 350 20.15 -12.54 -23.49
CA LYS A 350 19.77 -12.84 -24.87
C LYS A 350 18.25 -12.87 -25.02
N TYR A 351 17.53 -13.31 -23.98
CA TYR A 351 16.08 -13.36 -24.05
C TYR A 351 15.49 -12.00 -24.40
N ALA A 352 16.11 -10.92 -23.93
CA ALA A 352 15.58 -9.58 -24.17
C ALA A 352 15.59 -9.20 -25.65
N SER A 353 16.55 -9.72 -26.43
CA SER A 353 16.67 -9.36 -27.85
C SER A 353 16.18 -10.44 -28.79
N ASN A 354 16.23 -11.71 -28.37
CA ASN A 354 15.78 -12.82 -29.21
C ASN A 354 15.22 -13.90 -28.30
N PRO A 355 13.97 -13.76 -27.85
CA PRO A 355 13.43 -14.72 -26.88
C PRO A 355 13.33 -16.15 -27.42
N SER A 356 13.21 -16.33 -28.72
CA SER A 356 13.07 -17.68 -29.24
C SER A 356 14.40 -18.37 -29.51
N GLN A 357 15.55 -17.67 -29.34
CA GLN A 357 16.88 -18.24 -29.63
C GLN A 357 17.83 -17.89 -28.48
N ALA A 358 17.58 -18.44 -27.28
CA ALA A 358 18.38 -18.10 -26.11
C ALA A 358 18.75 -19.29 -25.24
N GLY A 359 18.38 -20.52 -25.63
CA GLY A 359 18.51 -21.65 -24.73
C GLY A 359 19.92 -22.27 -24.72
N GLY A 360 20.09 -23.22 -23.80
CA GLY A 360 21.32 -23.96 -23.68
C GLY A 360 22.44 -23.15 -23.04
N ALA A 361 23.50 -23.87 -22.65
CA ALA A 361 24.67 -23.23 -22.05
C ALA A 361 25.36 -22.27 -23.02
N THR A 362 25.17 -22.47 -24.32
CA THR A 362 25.68 -21.57 -25.35
C THR A 362 24.78 -20.34 -25.57
N GLY A 363 23.53 -20.36 -25.09
CA GLY A 363 22.64 -19.21 -25.18
C GLY A 363 22.07 -18.87 -26.55
N ASP A 364 21.87 -19.87 -27.42
CA ASP A 364 21.37 -19.59 -28.76
C ASP A 364 20.47 -20.68 -29.31
N GLN A 365 20.08 -21.66 -28.50
CA GLN A 365 19.21 -22.73 -28.94
C GLN A 365 17.76 -22.24 -28.97
N ALA A 366 16.94 -22.94 -29.75
CA ALA A 366 15.52 -22.61 -29.83
C ALA A 366 14.78 -23.12 -28.59
N GLY A 367 13.83 -22.33 -28.10
CA GLY A 367 12.87 -22.80 -27.11
C GLY A 367 11.70 -23.48 -27.79
N LYS A 368 10.64 -23.71 -27.04
CA LYS A 368 9.45 -24.31 -27.63
C LYS A 368 8.21 -23.50 -27.31
N ASP A 369 7.14 -23.83 -28.04
CA ASP A 369 5.84 -23.23 -27.81
C ASP A 369 5.24 -23.75 -26.52
N GLU A 370 4.51 -22.89 -25.83
CA GLU A 370 3.87 -23.27 -24.58
C GLU A 370 2.74 -22.29 -24.27
N VAL A 371 1.71 -22.79 -23.58
CA VAL A 371 0.63 -21.96 -23.08
C VAL A 371 0.57 -22.09 -21.55
N LEU A 372 0.55 -20.95 -20.87
CA LEU A 372 0.30 -20.88 -19.43
C LEU A 372 -1.13 -20.39 -19.18
N PHE A 373 -1.82 -21.04 -18.25
CA PHE A 373 -3.22 -20.73 -17.98
C PHE A 373 -3.45 -20.77 -16.49
N SER A 374 -4.21 -19.80 -15.96
CA SER A 374 -4.55 -19.81 -14.54
C SER A 374 -6.01 -19.43 -14.35
N HIS A 375 -6.73 -20.20 -13.55
CA HIS A 375 -8.08 -19.82 -13.21
C HIS A 375 -8.54 -20.56 -11.97
N VAL A 376 -9.58 -20.02 -11.33
CA VAL A 376 -10.18 -20.67 -10.17
C VAL A 376 -11.00 -21.87 -10.63
N THR A 377 -11.18 -22.84 -9.73
CA THR A 377 -11.88 -24.07 -10.05
C THR A 377 -13.27 -24.14 -9.44
N THR A 378 -13.57 -23.33 -8.44
CA THR A 378 -14.91 -23.18 -7.90
C THR A 378 -15.14 -21.68 -7.70
N PRO A 379 -16.37 -21.22 -7.48
CA PRO A 379 -16.63 -19.77 -7.35
C PRO A 379 -15.84 -19.13 -6.22
N ALA A 380 -15.00 -18.15 -6.58
CA ALA A 380 -14.12 -17.42 -5.67
C ALA A 380 -13.18 -18.37 -4.90
N GLY A 381 -12.89 -19.53 -5.48
CA GLY A 381 -12.09 -20.57 -4.86
C GLY A 381 -10.60 -20.53 -5.22
N GLN A 382 -10.00 -21.72 -5.28
CA GLN A 382 -8.57 -21.86 -5.47
C GLN A 382 -8.16 -21.58 -6.92
N ASN A 383 -7.09 -20.83 -7.08
CA ASN A 383 -6.57 -20.49 -8.39
C ASN A 383 -5.45 -21.46 -8.75
N GLN A 384 -5.61 -22.17 -9.85
CA GLN A 384 -4.66 -23.17 -10.34
C GLN A 384 -4.04 -22.70 -11.65
N MET A 385 -2.71 -22.72 -11.72
CA MET A 385 -2.00 -22.51 -12.98
C MET A 385 -1.69 -23.84 -13.66
N ARG A 386 -1.70 -23.81 -14.97
CA ARG A 386 -1.57 -25.03 -15.76
C ARG A 386 -0.79 -24.74 -17.02
N LEU A 387 -0.16 -25.78 -17.56
CA LEU A 387 0.35 -25.72 -18.91
C LEU A 387 -0.68 -26.36 -19.83
N LEU A 388 -0.91 -25.71 -20.97
CA LEU A 388 -1.78 -26.25 -22.00
C LEU A 388 -0.97 -26.45 -23.28
N ASP A 389 -1.35 -27.48 -24.01
CA ASP A 389 -0.73 -27.75 -25.29
C ASP A 389 -1.01 -26.60 -26.27
N PRO A 390 -0.02 -26.11 -27.01
CA PRO A 390 -0.22 -24.89 -27.82
C PRO A 390 -1.03 -25.07 -29.10
N GLN A 391 -1.39 -26.31 -29.50
CA GLN A 391 -2.23 -26.53 -30.68
C GLN A 391 -3.70 -26.75 -30.34
N GLN A 392 -4.00 -27.63 -29.38
CA GLN A 392 -5.37 -27.91 -28.98
C GLN A 392 -5.76 -27.31 -27.63
N TYR A 393 -4.81 -26.72 -26.90
CA TYR A 393 -5.07 -26.14 -25.57
C TYR A 393 -5.59 -27.18 -24.58
N GLU A 394 -5.05 -28.36 -24.67
CA GLU A 394 -5.45 -29.29 -23.64
C GLU A 394 -4.42 -29.34 -22.52
N PRO A 395 -4.88 -29.55 -21.30
CA PRO A 395 -3.99 -29.42 -20.14
C PRO A 395 -3.05 -30.61 -20.01
N LEU A 396 -1.88 -30.35 -19.44
CA LEU A 396 -1.06 -31.42 -18.88
C LEU A 396 -1.66 -31.85 -17.54
N SER A 397 -1.09 -32.89 -16.93
CA SER A 397 -1.72 -33.47 -15.76
C SER A 397 -1.47 -32.66 -14.49
N LYS A 398 -0.39 -31.88 -14.43
CA LYS A 398 -0.06 -31.20 -13.19
C LYS A 398 -0.69 -29.81 -13.16
N SER A 399 -0.92 -29.30 -11.95
CA SER A 399 -1.40 -27.94 -11.75
C SER A 399 -0.76 -27.41 -10.47
N LEU A 400 -0.56 -26.09 -10.41
CA LEU A 400 0.11 -25.43 -9.29
C LEU A 400 -0.84 -24.42 -8.67
N GLN A 401 -1.09 -24.56 -7.37
CA GLN A 401 -1.98 -23.60 -6.69
C GLN A 401 -1.26 -22.28 -6.49
N ILE A 402 -1.82 -21.21 -7.04
CA ILE A 402 -1.26 -19.88 -6.82
C ILE A 402 -2.11 -19.03 -5.89
N SER A 403 -3.27 -19.51 -5.45
CA SER A 403 -4.00 -18.77 -4.43
C SER A 403 -5.06 -19.65 -3.78
N LYS A 404 -5.26 -19.44 -2.47
CA LYS A 404 -6.35 -20.12 -1.79
C LYS A 404 -7.71 -19.57 -2.22
N THR A 405 -7.82 -18.24 -2.41
CA THR A 405 -9.07 -17.59 -2.81
C THR A 405 -8.78 -16.55 -3.88
N SER A 406 -9.60 -16.50 -4.92
CA SER A 406 -9.27 -15.66 -6.08
C SER A 406 -10.51 -15.57 -6.95
N LYS A 407 -10.38 -14.86 -8.08
CA LYS A 407 -11.41 -14.86 -9.11
C LYS A 407 -10.83 -14.52 -10.48
N SER A 408 -10.09 -13.41 -10.58
CA SER A 408 -9.50 -13.00 -11.86
C SER A 408 -7.97 -12.91 -11.75
N SER A 409 -7.29 -13.22 -12.86
CA SER A 409 -5.84 -13.17 -12.94
C SER A 409 -5.39 -12.93 -14.38
N SER A 410 -4.10 -12.63 -14.53
CA SER A 410 -3.54 -12.20 -15.81
C SER A 410 -2.04 -12.48 -15.77
N ILE A 411 -1.49 -12.94 -16.92
CA ILE A 411 -0.12 -13.45 -16.99
C ILE A 411 0.63 -12.73 -18.10
N ASP A 412 1.92 -12.46 -17.90
CA ASP A 412 2.75 -12.03 -19.02
C ASP A 412 4.19 -12.51 -18.74
N VAL A 413 5.12 -12.14 -19.64
CA VAL A 413 6.52 -12.55 -19.52
C VAL A 413 7.39 -11.31 -19.68
N LEU A 414 8.41 -11.18 -18.83
CA LEU A 414 9.36 -10.09 -18.85
C LEU A 414 10.45 -10.34 -19.91
N PRO A 415 11.15 -9.29 -20.33
CA PRO A 415 12.26 -9.49 -21.29
C PRO A 415 13.39 -10.38 -20.78
N ASP A 416 13.41 -10.74 -19.50
CA ASP A 416 14.40 -11.71 -19.05
C ASP A 416 13.86 -13.14 -19.03
N GLY A 417 12.65 -13.36 -19.50
CA GLY A 417 12.08 -14.70 -19.51
C GLY A 417 11.31 -15.10 -18.26
N THR A 418 11.39 -14.32 -17.18
CA THR A 418 10.61 -14.68 -15.99
C THR A 418 9.13 -14.37 -16.21
N ILE A 419 8.28 -15.11 -15.51
CA ILE A 419 6.83 -15.02 -15.64
C ILE A 419 6.27 -14.12 -14.56
N ILE A 420 5.43 -13.15 -14.97
CA ILE A 420 4.76 -12.24 -14.05
C ILE A 420 3.26 -12.48 -14.11
N VAL A 421 2.62 -12.33 -12.94
CA VAL A 421 1.20 -12.59 -12.76
C VAL A 421 0.63 -11.50 -11.87
N VAL A 422 -0.56 -11.01 -12.22
CA VAL A 422 -1.36 -10.22 -11.29
C VAL A 422 -2.60 -11.04 -10.98
N ALA A 423 -2.98 -11.07 -9.72
CA ALA A 423 -4.14 -11.88 -9.37
C ALA A 423 -4.81 -11.33 -8.12
N GLU A 424 -6.14 -11.49 -8.08
CA GLU A 424 -6.91 -11.27 -6.85
C GLU A 424 -6.65 -12.43 -5.89
N LYS A 425 -6.30 -12.12 -4.65
CA LYS A 425 -6.07 -13.11 -3.62
C LYS A 425 -6.60 -12.60 -2.28
N GLU A 426 -6.66 -13.50 -1.30
CA GLU A 426 -6.95 -13.18 0.10
C GLU A 426 -8.30 -12.48 0.21
N ARG A 427 -9.35 -13.22 -0.13
CA ARG A 427 -10.69 -12.69 -0.03
C ARG A 427 -10.98 -12.19 1.37
N ASN A 428 -11.58 -11.01 1.49
CA ASN A 428 -11.98 -10.53 2.80
C ASN A 428 -13.41 -11.01 3.00
N THR A 429 -13.58 -12.11 3.75
CA THR A 429 -14.91 -12.70 3.88
C THR A 429 -15.82 -11.88 4.79
N GLY A 430 -15.26 -10.98 5.60
CA GLY A 430 -16.12 -10.10 6.37
C GLY A 430 -16.76 -8.98 5.56
N ALA A 431 -16.35 -8.78 4.31
CA ALA A 431 -16.84 -7.64 3.53
C ALA A 431 -18.05 -8.03 2.70
N SER A 432 -18.85 -7.01 2.37
CA SER A 432 -20.18 -7.24 1.81
C SER A 432 -20.12 -8.02 0.49
N GLY A 433 -19.25 -7.63 -0.43
CA GLY A 433 -19.36 -8.35 -1.70
C GLY A 433 -18.28 -9.37 -1.95
N LEU A 434 -17.59 -9.25 -3.08
CA LEU A 434 -16.32 -9.95 -3.29
C LEU A 434 -15.21 -8.91 -3.20
N LYS A 435 -14.48 -8.93 -2.09
CA LYS A 435 -13.35 -8.05 -1.86
C LYS A 435 -12.06 -8.86 -1.78
N PHE A 436 -11.02 -8.38 -2.46
CA PHE A 436 -9.75 -9.07 -2.59
C PHE A 436 -8.59 -8.09 -2.37
N ASN A 437 -7.41 -8.65 -2.19
CA ASN A 437 -6.17 -7.90 -2.37
C ASN A 437 -5.63 -8.17 -3.78
N ILE A 438 -4.86 -7.23 -4.33
CA ILE A 438 -4.28 -7.39 -5.66
C ILE A 438 -2.82 -7.76 -5.53
N PHE A 439 -2.45 -8.94 -6.03
CA PHE A 439 -1.11 -9.51 -5.86
C PHE A 439 -0.31 -9.41 -7.15
N PHE A 440 0.97 -9.07 -7.01
CA PHE A 440 1.96 -9.23 -8.06
C PHE A 440 2.87 -10.40 -7.75
N SER A 441 3.14 -11.24 -8.74
CA SER A 441 4.01 -12.40 -8.56
C SER A 441 4.95 -12.51 -9.75
N ARG A 442 6.15 -13.03 -9.47
CA ARG A 442 7.19 -13.24 -10.48
C ARG A 442 7.86 -14.59 -10.23
N TYR A 443 7.90 -15.44 -11.26
CA TYR A 443 8.43 -16.81 -11.16
C TYR A 443 9.52 -17.05 -12.20
N THR A 444 10.48 -17.91 -11.87
CA THR A 444 11.36 -18.43 -12.90
C THR A 444 10.65 -19.53 -13.68
N GLN A 445 11.03 -19.67 -14.95
CA GLN A 445 10.51 -20.76 -15.77
C GLN A 445 10.90 -22.13 -15.24
N SER A 446 12.10 -22.26 -14.63
CA SER A 446 12.46 -23.58 -14.10
C SER A 446 11.56 -23.97 -12.93
N TYR A 447 11.24 -23.02 -12.05
CA TYR A 447 10.33 -23.35 -10.95
C TYR A 447 8.96 -23.79 -11.48
N LEU A 448 8.40 -23.03 -12.43
CA LEU A 448 7.11 -23.40 -12.98
C LEU A 448 7.18 -24.76 -13.65
N SER A 449 8.25 -25.02 -14.41
CA SER A 449 8.43 -26.32 -15.03
C SER A 449 8.46 -27.44 -13.99
N SER A 450 9.22 -27.24 -12.91
CA SER A 450 9.31 -28.26 -11.86
C SER A 450 7.95 -28.57 -11.25
N GLN A 451 7.01 -27.61 -11.30
CA GLN A 451 5.70 -27.85 -10.71
C GLN A 451 4.64 -28.28 -11.71
N LEU A 452 4.82 -28.00 -13.00
CA LEU A 452 3.78 -28.22 -14.00
C LEU A 452 4.12 -29.27 -15.07
N GLU A 453 5.39 -29.66 -15.19
CA GLU A 453 5.83 -30.58 -16.24
C GLU A 453 6.36 -31.87 -15.62
N TYR A 454 6.49 -32.89 -16.46
CA TYR A 454 7.12 -34.13 -16.02
C TYR A 454 8.57 -34.24 -16.51
N ASN B 26 20.30 1.63 -0.44
CA ASN B 26 19.29 2.26 0.40
C ASN B 26 18.05 1.42 0.66
N GLN B 27 17.80 0.42 -0.17
CA GLN B 27 16.63 -0.43 0.02
C GLN B 27 16.88 -1.41 1.17
N GLU B 28 15.82 -1.73 1.89
CA GLU B 28 15.86 -2.64 3.03
C GLU B 28 15.36 -4.03 2.62
N ASP B 29 15.74 -5.03 3.40
CA ASP B 29 15.21 -6.39 3.21
C ASP B 29 13.93 -6.52 4.02
N GLU B 30 12.80 -6.63 3.34
CA GLU B 30 11.51 -6.64 4.03
C GLU B 30 11.11 -8.05 4.48
N ILE B 31 10.40 -8.11 5.59
CA ILE B 31 9.84 -9.34 6.12
C ILE B 31 8.34 -9.13 6.30
N LYS B 32 7.53 -10.01 5.71
CA LYS B 32 6.08 -9.97 5.86
C LYS B 32 5.61 -11.34 6.31
N GLU B 33 5.13 -11.44 7.56
CA GLU B 33 4.75 -12.72 8.13
C GLU B 33 3.30 -12.68 8.59
N ASN B 34 2.70 -13.86 8.57
CA ASN B 34 1.37 -14.08 9.14
C ASN B 34 1.61 -14.61 10.56
N THR B 35 1.76 -13.68 11.50
CA THR B 35 1.89 -14.02 12.89
C THR B 35 0.52 -14.48 13.42
N GLY B 36 0.51 -15.00 14.63
CA GLY B 36 -0.80 -15.35 15.15
C GLY B 36 -1.65 -14.20 15.68
N GLY B 37 -1.34 -12.97 15.29
CA GLY B 37 -1.81 -11.82 16.06
C GLY B 37 -0.96 -11.70 17.30
N LEU B 38 -1.59 -11.49 18.45
CA LEU B 38 -0.85 -11.54 19.71
C LEU B 38 -0.37 -12.97 19.95
N GLN B 39 0.89 -13.11 20.39
CA GLN B 39 1.42 -14.40 20.81
C GLN B 39 0.90 -14.78 22.20
N THR B 40 0.75 -16.09 22.42
CA THR B 40 0.08 -16.58 23.62
C THR B 40 0.87 -17.60 24.43
N SER B 41 2.07 -17.99 24.02
CA SER B 41 2.83 -18.95 24.80
C SER B 41 4.30 -18.83 24.48
N TRP B 42 5.15 -19.19 25.46
CA TRP B 42 6.59 -19.11 25.25
C TRP B 42 7.05 -20.06 24.15
N ASP B 43 6.42 -21.23 24.01
CA ASP B 43 6.82 -22.17 22.97
C ASP B 43 6.57 -21.61 21.58
N GLN B 44 5.50 -20.85 21.42
CA GLN B 44 5.22 -20.26 20.11
C GLN B 44 6.25 -19.16 19.78
N ILE B 45 6.68 -18.41 20.78
CA ILE B 45 7.44 -17.19 20.54
C ILE B 45 8.96 -17.37 20.60
N LYS B 46 9.47 -18.44 21.25
CA LYS B 46 10.87 -18.46 21.64
C LYS B 46 11.83 -18.46 20.45
N ASP B 47 11.43 -19.03 19.32
CA ASP B 47 12.29 -19.09 18.15
C ASP B 47 12.04 -17.96 17.15
N LYS B 48 11.18 -17.01 17.49
CA LYS B 48 10.88 -15.91 16.58
C LYS B 48 11.77 -14.71 16.90
N THR B 49 12.12 -13.97 15.86
CA THR B 49 13.02 -12.83 16.04
C THR B 49 12.40 -11.56 15.48
N ILE B 50 12.59 -11.29 14.19
CA ILE B 50 11.98 -10.15 13.52
C ILE B 50 10.67 -10.64 12.92
N MET B 51 9.55 -10.28 13.56
CA MET B 51 8.29 -10.88 13.13
C MET B 51 7.70 -10.16 11.92
N ASN B 52 7.99 -8.87 11.74
CA ASN B 52 7.55 -8.11 10.56
C ASN B 52 8.47 -6.92 10.41
N ASP B 53 8.69 -6.50 9.16
CA ASP B 53 9.55 -5.34 8.89
C ASP B 53 9.31 -4.89 7.47
N TYR B 54 8.30 -4.06 7.24
CA TYR B 54 7.89 -3.82 5.87
C TYR B 54 7.32 -2.41 5.73
N ALA B 55 7.31 -1.90 4.50
CA ALA B 55 6.75 -0.56 4.25
C ALA B 55 5.24 -0.63 4.31
N VAL B 56 4.61 0.08 5.27
CA VAL B 56 3.16 0.22 5.23
C VAL B 56 2.74 1.34 4.28
N ILE B 57 3.61 2.32 4.04
CA ILE B 57 3.38 3.36 3.04
C ILE B 57 4.63 3.44 2.16
N GLY B 58 4.44 3.26 0.86
CA GLY B 58 5.51 3.29 -0.14
C GLY B 58 5.40 4.47 -1.08
N GLU B 59 5.43 4.22 -2.40
CA GLU B 59 5.35 5.32 -3.37
C GLU B 59 4.05 6.08 -3.16
N SER B 60 4.13 7.41 -3.30
CA SER B 60 3.00 8.24 -2.93
C SER B 60 2.84 9.45 -3.86
N GLY B 61 3.31 9.33 -5.11
CA GLY B 61 3.19 10.43 -6.06
C GLY B 61 3.94 11.66 -5.55
N GLY B 62 3.29 12.80 -5.63
CA GLY B 62 3.83 14.04 -5.11
C GLY B 62 3.67 14.26 -3.62
N ASP B 63 3.04 13.33 -2.89
CA ASP B 63 2.81 13.51 -1.46
C ASP B 63 3.98 12.99 -0.64
N TYR B 64 4.18 13.59 0.52
CA TYR B 64 5.25 13.20 1.45
C TYR B 64 4.59 12.83 2.77
N TYR B 65 4.64 11.54 3.10
CA TYR B 65 4.25 11.05 4.40
C TYR B 65 5.48 11.11 5.32
N ARG B 66 5.34 11.77 6.47
CA ARG B 66 6.48 12.05 7.33
C ARG B 66 6.05 12.01 8.80
N ASN B 67 7.04 11.91 9.69
CA ASN B 67 6.91 12.04 11.14
C ASN B 67 5.90 11.06 11.75
N PRO B 68 6.13 9.75 11.63
CA PRO B 68 5.16 8.79 12.15
C PRO B 68 5.25 8.57 13.66
N VAL B 69 4.10 8.22 14.25
CA VAL B 69 3.97 7.87 15.66
C VAL B 69 3.17 6.57 15.74
N ILE B 70 3.50 5.72 16.70
CA ILE B 70 2.84 4.42 16.83
C ILE B 70 2.25 4.28 18.22
N VAL B 71 1.08 3.65 18.31
CA VAL B 71 0.40 3.44 19.60
C VAL B 71 -0.20 2.04 19.62
N ALA B 72 0.15 1.26 20.64
CA ALA B 72 -0.56 0.02 20.95
C ALA B 72 -1.85 0.39 21.70
N LEU B 73 -3.00 0.18 21.07
CA LEU B 73 -4.27 0.63 21.65
C LEU B 73 -4.88 -0.36 22.63
N GLY B 74 -4.43 -1.61 22.62
CA GLY B 74 -5.07 -2.64 23.42
C GLY B 74 -5.34 -3.83 22.52
N GLY B 75 -5.32 -5.02 23.12
CA GLY B 75 -5.46 -6.23 22.33
C GLY B 75 -4.42 -6.28 21.22
N ALA B 76 -4.87 -6.69 20.03
CA ALA B 76 -4.01 -6.74 18.87
C ALA B 76 -4.08 -5.46 18.03
N ASN B 77 -4.59 -4.36 18.60
CA ASN B 77 -4.83 -3.14 17.87
C ASN B 77 -3.62 -2.21 17.91
N VAL B 78 -3.20 -1.73 16.74
CA VAL B 78 -2.08 -0.81 16.58
C VAL B 78 -2.55 0.38 15.76
N LEU B 79 -2.24 1.58 16.24
CA LEU B 79 -2.55 2.84 15.56
C LEU B 79 -1.24 3.47 15.09
N ILE B 80 -1.22 3.92 13.84
CA ILE B 80 -0.11 4.71 13.31
C ILE B 80 -0.65 6.07 12.87
N VAL B 81 0.01 7.13 13.31
CA VAL B 81 -0.34 8.50 12.92
C VAL B 81 0.86 9.12 12.20
N THR B 82 0.57 9.90 11.17
CA THR B 82 1.58 10.43 10.26
C THR B 82 1.08 11.76 9.73
N GLU B 83 2.01 12.66 9.34
CA GLU B 83 1.61 13.81 8.54
C GLU B 83 1.73 13.51 7.05
N LYS B 84 0.94 14.21 6.25
CA LYS B 84 0.91 14.03 4.80
C LYS B 84 0.98 15.39 4.12
N ARG B 85 2.16 15.72 3.58
CA ARG B 85 2.34 16.96 2.84
C ARG B 85 1.82 16.78 1.43
N ILE B 86 0.79 17.54 1.08
CA ILE B 86 0.03 17.36 -0.15
C ILE B 86 0.80 18.00 -1.30
N ASN B 87 1.32 17.15 -2.19
CA ASN B 87 1.96 17.57 -3.46
C ASN B 87 3.08 18.58 -3.28
N TYR B 88 3.85 18.48 -2.19
CA TYR B 88 5.00 19.35 -1.99
C TYR B 88 5.87 18.77 -0.86
N PRO B 89 7.18 19.08 -0.84
CA PRO B 89 8.10 18.38 0.06
C PRO B 89 8.17 18.91 1.49
N GLY B 90 7.58 20.06 1.78
CA GLY B 90 7.80 20.74 3.04
C GLY B 90 8.61 22.01 2.84
N SER B 91 8.74 22.77 3.93
CA SER B 91 9.51 24.01 3.89
C SER B 91 11.02 23.72 3.73
N ALA B 92 11.80 24.78 3.52
CA ALA B 92 13.24 24.60 3.36
C ALA B 92 13.90 24.05 4.62
N ASN B 93 13.33 24.30 5.80
CA ASN B 93 13.86 23.67 7.00
C ASN B 93 13.06 22.43 7.41
N ASP B 94 12.36 21.81 6.46
CA ASP B 94 11.77 20.47 6.57
C ASP B 94 10.57 20.40 7.52
N ILE B 95 9.72 21.42 7.49
CA ILE B 95 8.50 21.46 8.28
C ILE B 95 7.31 21.21 7.34
N GLY B 96 6.30 20.48 7.83
CA GLY B 96 5.10 20.26 7.04
C GLY B 96 4.32 21.52 6.71
N VAL B 97 3.70 22.15 7.71
CA VAL B 97 2.99 23.40 7.46
C VAL B 97 3.99 24.51 7.11
N ASN B 98 3.55 25.43 6.26
CA ASN B 98 4.37 26.60 5.93
C ASN B 98 3.50 27.84 5.72
N GLY B 99 2.27 27.85 6.24
CA GLY B 99 1.41 28.98 6.01
C GLY B 99 0.83 29.12 4.61
N SER B 100 0.98 28.11 3.74
CA SER B 100 0.30 28.17 2.44
C SER B 100 -0.08 26.80 1.86
N LYS B 101 0.66 25.75 2.19
CA LYS B 101 0.37 24.48 1.52
C LYS B 101 -0.55 23.59 2.36
N PRO B 102 -1.39 22.78 1.71
CA PRO B 102 -2.22 21.81 2.47
C PRO B 102 -1.37 20.68 3.04
N VAL B 103 -1.64 20.35 4.30
CA VAL B 103 -0.96 19.25 4.97
C VAL B 103 -1.97 18.57 5.87
N SER B 104 -2.13 17.27 5.71
CA SER B 104 -3.05 16.50 6.53
C SER B 104 -2.28 15.71 7.58
N ILE B 105 -3.01 15.30 8.62
CA ILE B 105 -2.54 14.25 9.52
C ILE B 105 -3.46 13.06 9.31
N VAL B 106 -2.85 11.92 8.98
CA VAL B 106 -3.58 10.72 8.61
C VAL B 106 -3.34 9.65 9.67
N TYR B 107 -4.23 8.65 9.68
CA TYR B 107 -4.11 7.53 10.62
C TYR B 107 -4.33 6.21 9.90
N LEU B 108 -3.68 5.18 10.42
CA LEU B 108 -3.78 3.80 9.95
C LEU B 108 -4.03 2.89 11.15
N LEU B 109 -4.83 1.85 10.95
CA LEU B 109 -5.19 0.93 12.03
C LEU B 109 -4.89 -0.51 11.63
N SER B 110 -4.40 -1.29 12.58
CA SER B 110 -4.30 -2.73 12.48
C SER B 110 -5.02 -3.37 13.66
N SER B 111 -5.76 -4.45 13.39
CA SER B 111 -6.33 -5.27 14.46
C SER B 111 -5.72 -6.67 14.52
N ASP B 112 -4.59 -6.91 13.82
CA ASP B 112 -3.92 -8.21 13.90
C ASP B 112 -2.45 -8.00 14.22
N ALA B 113 -2.17 -7.13 15.20
CA ALA B 113 -0.85 -6.89 15.77
C ALA B 113 0.15 -6.39 14.73
N GLY B 114 -0.35 -5.73 13.70
CA GLY B 114 0.48 -5.13 12.67
C GLY B 114 0.70 -5.98 11.43
N ASP B 115 0.10 -7.17 11.35
CA ASP B 115 0.19 -7.95 10.11
C ASP B 115 -0.35 -7.15 8.92
N ASN B 116 -1.45 -6.40 9.13
CA ASN B 116 -2.13 -5.69 8.04
C ASN B 116 -2.67 -4.36 8.56
N PHE B 117 -2.44 -3.30 7.79
CA PHE B 117 -2.92 -1.97 8.17
C PHE B 117 -3.95 -1.44 7.17
N SER B 118 -4.94 -0.72 7.69
CA SER B 118 -5.87 -0.03 6.82
C SER B 118 -5.12 1.02 5.99
N SER B 119 -5.73 1.38 4.88
CA SER B 119 -5.23 2.46 4.03
C SER B 119 -5.37 3.80 4.74
N PRO B 120 -4.39 4.69 4.62
CA PRO B 120 -4.41 5.94 5.41
C PRO B 120 -5.62 6.81 5.10
N LEU B 121 -6.27 7.28 6.17
CA LEU B 121 -7.38 8.23 6.10
C LEU B 121 -7.01 9.52 6.85
N PRO B 122 -7.41 10.68 6.32
CA PRO B 122 -7.10 11.95 7.03
C PRO B 122 -8.00 12.16 8.24
N ILE B 123 -7.39 12.47 9.39
CA ILE B 123 -8.15 12.88 10.56
C ILE B 123 -8.88 14.18 10.25
N GLY B 124 -10.21 14.14 10.27
CA GLY B 124 -11.02 15.33 10.01
C GLY B 124 -11.12 15.75 8.56
N GLY B 125 -10.87 14.86 7.62
CA GLY B 125 -10.93 15.22 6.22
C GLY B 125 -9.62 15.78 5.69
N GLU B 126 -9.40 15.57 4.39
CA GLU B 126 -8.18 16.01 3.74
C GLU B 126 -8.05 17.52 3.80
N SER B 127 -6.85 18.00 4.15
CA SER B 127 -6.53 19.42 4.10
C SER B 127 -6.64 19.93 2.66
N THR B 128 -7.10 21.17 2.51
CA THR B 128 -7.23 21.79 1.19
C THR B 128 -6.51 23.12 1.05
N SER B 129 -6.09 23.75 2.15
CA SER B 129 -5.49 25.08 2.12
C SER B 129 -4.66 25.28 3.38
N ALA B 130 -3.99 26.43 3.45
CA ALA B 130 -3.20 26.76 4.64
C ALA B 130 -4.05 26.82 5.90
N ASP B 131 -5.32 27.21 5.78
CA ASP B 131 -6.13 27.47 6.97
C ASP B 131 -6.58 26.22 7.71
N ASN B 132 -6.56 25.05 7.07
CA ASN B 132 -6.85 23.80 7.76
C ASN B 132 -5.66 22.84 7.76
N ALA B 133 -4.47 23.30 7.41
CA ALA B 133 -3.30 22.42 7.39
C ALA B 133 -2.76 22.18 8.80
N VAL B 134 -2.32 20.94 9.05
CA VAL B 134 -1.78 20.51 10.35
C VAL B 134 -0.61 19.57 10.10
N SER B 135 0.39 19.61 10.99
CA SER B 135 1.58 18.77 10.84
C SER B 135 2.24 18.53 12.20
N ALA B 136 3.27 17.68 12.17
CA ALA B 136 4.04 17.37 13.37
C ALA B 136 3.17 16.86 14.54
N PRO B 137 2.50 15.72 14.39
CA PRO B 137 1.53 15.27 15.42
C PRO B 137 2.21 14.80 16.71
N VAL B 138 1.69 15.27 17.84
CA VAL B 138 2.04 14.76 19.17
C VAL B 138 0.85 13.97 19.67
N VAL B 139 1.06 12.69 20.00
CA VAL B 139 -0.03 11.75 20.18
C VAL B 139 -0.03 11.25 21.62
N TYR B 140 -1.16 11.40 22.29
CA TYR B 140 -1.33 10.97 23.68
C TYR B 140 -2.36 9.85 23.78
N TYR B 141 -2.06 8.81 24.55
CA TYR B 141 -3.05 7.76 24.73
C TYR B 141 -2.73 6.92 25.95
N LYS B 142 -3.74 6.73 26.80
CA LYS B 142 -3.71 5.73 27.87
C LYS B 142 -4.87 4.75 27.74
N LYS B 143 -6.11 5.24 27.71
CA LYS B 143 -7.28 4.42 27.45
C LYS B 143 -8.44 5.29 26.96
N ASP B 144 -9.29 4.70 26.13
CA ASP B 144 -10.55 5.21 25.60
C ASP B 144 -10.46 6.43 24.69
N LYS B 145 -9.40 7.23 24.81
CA LYS B 145 -9.33 8.47 24.06
C LYS B 145 -7.92 8.72 23.55
N VAL B 146 -7.80 9.01 22.27
CA VAL B 146 -6.53 9.45 21.67
C VAL B 146 -6.59 10.95 21.46
N TYR B 147 -5.52 11.64 21.85
CA TYR B 147 -5.38 13.09 21.66
C TYR B 147 -4.21 13.36 20.71
N VAL B 148 -4.48 14.10 19.64
CA VAL B 148 -3.45 14.55 18.72
C VAL B 148 -3.41 16.07 18.78
N ILE B 149 -2.26 16.61 19.17
CA ILE B 149 -1.99 18.04 19.17
C ILE B 149 -0.95 18.30 18.07
N ALA B 150 -1.24 19.27 17.22
CA ALA B 150 -0.55 19.47 15.95
C ALA B 150 -0.14 20.92 15.77
N SER B 151 0.90 21.13 14.97
CA SER B 151 1.22 22.44 14.47
C SER B 151 0.24 22.83 13.36
N ALA B 152 -0.03 24.13 13.27
CA ALA B 152 -0.92 24.66 12.25
C ALA B 152 -0.42 26.05 11.88
N GLY B 153 -1.09 26.68 10.92
CA GLY B 153 -0.60 27.94 10.40
C GLY B 153 0.85 27.84 9.95
N ALA B 154 1.72 28.64 10.58
CA ALA B 154 3.12 28.72 10.17
C ALA B 154 4.01 27.61 10.76
N GLY B 155 3.58 26.94 11.83
CA GLY B 155 4.51 26.02 12.49
C GLY B 155 5.77 26.77 12.92
N ILE B 156 6.89 26.05 12.89
CA ILE B 156 8.21 26.67 13.05
C ILE B 156 8.91 26.69 11.70
N SER B 157 8.15 26.75 10.61
CA SER B 157 8.76 26.81 9.28
C SER B 157 9.56 28.10 9.12
N ARG B 158 10.68 28.00 8.42
CA ARG B 158 11.41 29.18 7.94
C ARG B 158 11.04 29.40 6.48
N THR B 159 10.67 30.62 6.13
CA THR B 159 10.31 30.95 4.75
C THR B 159 11.05 32.22 4.33
N ASP B 160 10.59 32.84 3.24
CA ASP B 160 11.13 34.09 2.73
C ASP B 160 10.69 35.31 3.54
N GLN B 161 9.69 35.18 4.42
CA GLN B 161 9.26 36.28 5.26
C GLN B 161 9.79 36.13 6.67
N ASP B 162 10.17 37.26 7.27
CA ASP B 162 10.31 37.30 8.72
C ASP B 162 8.96 36.95 9.35
N TYR B 163 9.01 36.23 10.48
CA TYR B 163 7.77 35.84 11.18
C TYR B 163 6.84 37.03 11.43
N SER B 164 7.40 38.19 11.78
CA SER B 164 6.59 39.37 12.10
C SER B 164 5.69 39.81 10.95
N ALA B 165 6.02 39.43 9.71
CA ALA B 165 5.21 39.82 8.54
C ALA B 165 4.23 38.73 8.06
N ARG B 166 4.33 37.51 8.57
CA ARG B 166 3.53 36.40 8.04
C ARG B 166 2.07 36.48 8.46
N ASN B 167 1.16 36.07 7.56
CA ASN B 167 -0.22 36.30 7.98
C ASN B 167 -0.76 35.09 8.72
N PRO B 168 -0.82 33.88 8.13
CA PRO B 168 -0.97 32.72 9.01
C PRO B 168 0.25 32.75 9.90
N LYS B 169 0.10 33.08 11.18
CA LYS B 169 1.22 32.95 12.12
C LYS B 169 1.16 31.54 12.72
N SER B 170 1.93 31.28 13.78
CA SER B 170 1.89 29.98 14.41
C SER B 170 0.56 29.76 15.13
N MET B 171 0.11 28.51 15.16
CA MET B 171 -1.13 28.08 15.80
C MET B 171 -0.92 26.66 16.29
N LEU B 172 -1.68 26.27 17.32
CA LEU B 172 -1.82 24.88 17.74
C LEU B 172 -3.26 24.42 17.54
N LYS B 173 -3.43 23.20 17.04
CA LYS B 173 -4.75 22.59 16.84
C LYS B 173 -4.74 21.17 17.36
N TYR B 174 -5.92 20.65 17.71
CA TYR B 174 -6.03 19.32 18.32
C TYR B 174 -7.27 18.61 17.81
N SER B 175 -7.21 17.27 17.88
CA SER B 175 -8.36 16.40 17.59
C SER B 175 -8.40 15.29 18.62
N VAL B 176 -9.62 14.86 18.95
CA VAL B 176 -9.87 13.83 19.95
C VAL B 176 -10.46 12.62 19.24
N GLY B 177 -9.80 11.46 19.40
CA GLY B 177 -10.27 10.22 18.81
C GLY B 177 -10.90 9.34 19.88
N THR B 178 -12.18 9.03 19.70
CA THR B 178 -12.89 8.17 20.64
C THR B 178 -12.74 6.73 20.18
N VAL B 179 -12.11 5.90 21.01
CA VAL B 179 -11.74 4.53 20.69
C VAL B 179 -12.77 3.57 21.25
N THR B 180 -13.33 2.73 20.41
CA THR B 180 -14.23 1.66 20.84
C THR B 180 -13.70 0.33 20.35
N GLY B 181 -13.91 -0.71 21.16
CA GLY B 181 -13.55 -2.06 20.77
C GLY B 181 -12.08 -2.37 20.89
N ALA B 182 -11.37 -1.70 21.81
CA ALA B 182 -9.95 -1.96 21.98
C ALA B 182 -9.66 -3.39 22.39
N ASP B 183 -10.65 -4.11 22.93
CA ASP B 183 -10.44 -5.52 23.26
C ASP B 183 -10.82 -6.48 22.13
N ASN B 184 -11.28 -5.98 20.98
CA ASN B 184 -11.43 -6.83 19.80
C ASN B 184 -10.88 -6.10 18.57
N LYS B 185 -11.75 -5.63 17.68
CA LYS B 185 -11.33 -4.83 16.53
C LYS B 185 -11.63 -3.38 16.88
N ALA B 186 -10.57 -2.59 17.08
CA ALA B 186 -10.74 -1.19 17.46
C ALA B 186 -11.19 -0.31 16.30
N SER B 187 -12.00 0.68 16.62
CA SER B 187 -12.40 1.72 15.68
C SER B 187 -12.28 3.06 16.40
N ILE B 188 -12.05 4.13 15.64
CA ILE B 188 -11.86 5.46 16.22
C ILE B 188 -12.71 6.46 15.45
N GLN B 189 -13.37 7.34 16.19
N GLN B 189 -13.43 7.30 16.17
CA GLN B 189 -14.11 8.47 15.65
CA GLN B 189 -14.06 8.46 15.55
C GLN B 189 -13.40 9.75 16.07
C GLN B 189 -13.36 9.71 16.05
N TRP B 190 -12.89 10.51 15.10
CA TRP B 190 -12.12 11.71 15.38
C TRP B 190 -13.02 12.94 15.37
N SER B 191 -12.84 13.82 16.35
CA SER B 191 -13.50 15.11 16.32
C SER B 191 -12.82 16.03 15.30
N GLU B 192 -13.54 17.08 14.94
CA GLU B 192 -12.99 18.11 14.06
C GLU B 192 -11.81 18.83 14.73
N TRP B 193 -10.85 19.26 13.92
CA TRP B 193 -9.73 20.02 14.43
C TRP B 193 -10.20 21.33 15.06
N LYS B 194 -9.73 21.61 16.28
CA LYS B 194 -10.06 22.85 16.95
C LYS B 194 -8.79 23.56 17.38
N GLU B 195 -8.86 24.88 17.48
CA GLU B 195 -7.70 25.65 17.92
C GLU B 195 -7.47 25.49 19.42
N LEU B 196 -6.21 25.38 19.81
CA LEU B 196 -5.80 25.34 21.20
C LEU B 196 -5.03 26.64 21.46
N SER B 197 -5.69 27.61 22.07
CA SER B 197 -5.15 28.96 22.13
C SER B 197 -3.93 29.02 23.05
N VAL B 198 -2.92 29.81 22.66
CA VAL B 198 -1.77 30.06 23.51
C VAL B 198 -1.79 31.47 24.11
N SER B 199 -2.89 32.20 23.99
CA SER B 199 -2.95 33.55 24.55
C SER B 199 -2.66 33.53 26.04
N GLY B 200 -1.78 34.42 26.47
CA GLY B 200 -1.36 34.46 27.86
C GLY B 200 -0.31 33.44 28.22
N LYS B 201 0.08 32.56 27.30
CA LYS B 201 1.15 31.60 27.53
C LYS B 201 2.39 31.89 26.69
N ILE B 202 2.25 32.17 25.40
CA ILE B 202 3.36 32.53 24.53
C ILE B 202 3.14 33.94 24.03
N GLY B 203 4.19 34.77 24.10
CA GLY B 203 4.13 36.15 23.66
C GLY B 203 3.85 36.27 22.16
N GLU B 204 3.50 37.48 21.75
CA GLU B 204 2.97 37.69 20.40
C GLU B 204 4.02 37.51 19.28
N ASN B 205 5.23 38.03 19.42
CA ASN B 205 6.16 37.86 18.28
C ASN B 205 7.05 36.63 18.43
N VAL B 206 6.57 35.57 19.08
CA VAL B 206 7.35 34.35 19.28
C VAL B 206 6.79 33.27 18.35
N GLN B 207 7.61 32.75 17.44
CA GLN B 207 7.21 31.63 16.58
C GLN B 207 7.31 30.31 17.34
N PHE B 208 6.30 29.46 17.18
CA PHE B 208 6.17 28.25 18.01
C PHE B 208 5.51 27.13 17.21
N GLY B 209 5.65 25.91 17.71
CA GLY B 209 5.00 24.76 17.10
C GLY B 209 5.17 23.50 17.92
N THR B 210 4.90 22.36 17.29
CA THR B 210 5.10 21.07 17.93
C THR B 210 6.21 20.32 17.23
N HIS B 211 6.70 19.28 17.91
CA HIS B 211 7.69 18.36 17.40
C HIS B 211 7.12 16.96 17.54
N SER B 212 7.11 16.20 16.45
CA SER B 212 6.43 14.92 16.41
C SER B 212 6.86 13.99 17.54
N GLY B 213 5.93 13.23 18.08
CA GLY B 213 6.27 12.14 18.97
C GLY B 213 5.10 11.64 19.80
N ARG B 214 5.39 10.59 20.57
CA ARG B 214 4.44 10.07 21.54
C ARG B 214 4.50 10.93 22.82
N GLY B 215 3.39 11.55 23.19
CA GLY B 215 3.39 12.44 24.35
C GLY B 215 3.26 11.73 25.68
N ILE B 216 3.79 12.36 26.72
CA ILE B 216 3.79 11.82 28.07
C ILE B 216 2.48 12.16 28.76
N ILE B 217 1.87 11.17 29.40
CA ILE B 217 0.75 11.40 30.32
C ILE B 217 1.23 11.12 31.74
N ALA B 218 0.93 12.04 32.65
CA ALA B 218 1.39 11.96 34.03
C ALA B 218 0.74 10.78 34.76
N SER B 219 1.20 10.55 36.00
CA SER B 219 0.77 9.39 36.79
C SER B 219 -0.73 9.38 37.07
N ASP B 220 -1.40 10.53 37.06
CA ASP B 220 -2.85 10.50 37.26
C ASP B 220 -3.62 9.94 36.06
N GLY B 221 -2.94 9.64 34.95
CA GLY B 221 -3.57 9.13 33.76
C GLY B 221 -4.30 10.14 32.88
N THR B 222 -4.37 11.40 33.30
CA THR B 222 -5.17 12.40 32.58
C THR B 222 -4.43 13.70 32.25
N THR B 223 -3.32 14.02 32.88
CA THR B 223 -2.63 15.26 32.61
C THR B 223 -1.55 15.01 31.56
N MET B 224 -1.71 15.64 30.40
CA MET B 224 -0.75 15.56 29.31
C MET B 224 0.33 16.61 29.51
N VAL B 225 1.56 16.27 29.13
CA VAL B 225 2.65 17.23 29.05
C VAL B 225 2.70 17.76 27.62
N LEU B 226 2.39 19.04 27.44
CA LEU B 226 2.41 19.64 26.12
C LEU B 226 3.73 20.38 25.95
N PRO B 227 4.61 19.93 25.05
CA PRO B 227 5.85 20.67 24.81
C PRO B 227 5.72 21.59 23.60
N ILE B 228 5.79 22.88 23.85
CA ILE B 228 5.73 23.88 22.80
C ILE B 228 7.15 24.26 22.43
N ILE B 229 7.55 23.94 21.21
CA ILE B 229 8.83 24.38 20.67
C ILE B 229 8.72 25.84 20.27
N THR B 230 9.72 26.63 20.67
CA THR B 230 9.86 28.03 20.24
C THR B 230 11.13 28.16 19.40
N ALA B 231 11.10 29.11 18.46
CA ALA B 231 12.24 29.26 17.56
C ALA B 231 12.28 30.67 17.02
N GLU B 232 13.45 31.24 17.00
CA GLU B 232 13.67 32.45 16.21
C GLU B 232 14.39 32.02 14.93
N GLN B 233 13.70 32.12 13.79
CA GLN B 233 14.12 31.50 12.55
C GLN B 233 14.69 32.45 11.50
N GLY B 234 14.66 33.76 11.73
CA GLY B 234 15.05 34.66 10.67
C GLY B 234 14.22 34.38 9.42
N LYS B 235 14.88 34.42 8.27
CA LYS B 235 14.20 34.13 7.01
C LYS B 235 15.24 33.56 6.06
N ASN B 236 14.76 32.94 4.99
CA ASN B 236 15.69 32.45 3.97
C ASN B 236 16.55 33.60 3.46
N GLY B 237 17.87 33.39 3.48
CA GLY B 237 18.80 34.46 3.14
C GLY B 237 19.31 35.24 4.34
N ALA B 238 18.70 35.09 5.51
CA ALA B 238 19.18 35.72 6.74
C ALA B 238 18.71 34.81 7.87
N ALA B 239 19.26 33.60 7.83
CA ALA B 239 18.72 32.57 8.70
C ALA B 239 19.19 32.79 10.14
N LYS B 240 18.28 32.48 11.08
CA LYS B 240 18.41 32.40 12.52
C LYS B 240 17.96 31.01 12.94
N GLU B 241 18.49 30.55 14.06
CA GLU B 241 17.89 29.34 14.58
C GLU B 241 18.12 29.19 16.07
N MET B 242 17.53 30.07 16.83
CA MET B 242 17.64 30.11 18.28
C MET B 242 16.39 29.42 18.81
N MET B 243 16.54 28.22 19.35
CA MET B 243 15.38 27.42 19.70
C MET B 243 15.28 27.23 21.22
N GLY B 244 14.07 26.87 21.65
CA GLY B 244 13.75 26.72 23.05
C GLY B 244 12.46 25.95 23.23
N ALA B 245 11.96 25.94 24.46
CA ALA B 245 10.76 25.15 24.73
C ALA B 245 10.07 25.66 25.99
N GLU B 246 8.76 25.44 26.04
CA GLU B 246 7.95 25.61 27.25
C GLU B 246 7.06 24.39 27.39
N PHE B 247 6.99 23.85 28.60
CA PHE B 247 6.16 22.68 28.87
C PHE B 247 4.95 23.08 29.69
N TYR B 248 3.77 22.60 29.29
CA TYR B 248 2.52 22.95 29.94
C TYR B 248 1.70 21.69 30.27
N LYS B 249 0.99 21.75 31.39
CA LYS B 249 -0.02 20.75 31.72
C LYS B 249 -1.25 20.96 30.85
N VAL B 250 -1.85 19.87 30.37
CA VAL B 250 -3.12 19.93 29.66
C VAL B 250 -4.02 18.82 30.20
N THR B 251 -5.19 19.21 30.73
CA THR B 251 -6.14 18.25 31.29
C THR B 251 -6.94 17.55 30.18
N ALA B 252 -6.94 16.22 30.19
CA ALA B 252 -7.70 15.43 29.21
C ALA B 252 -9.20 15.74 29.27
N ASN B 253 -9.78 16.04 28.11
CA ASN B 253 -11.16 16.50 27.99
C ASN B 253 -11.50 16.56 26.50
N ASP B 254 -12.80 16.50 26.20
CA ASP B 254 -13.20 16.60 24.80
C ASP B 254 -12.92 17.98 24.24
N THR B 255 -12.91 19.00 25.10
CA THR B 255 -12.37 20.31 24.76
C THR B 255 -11.09 20.51 25.54
N LEU B 256 -10.01 20.87 24.85
CA LEU B 256 -8.71 21.04 25.49
C LEU B 256 -8.41 22.53 25.66
N THR B 257 -7.74 22.86 26.76
CA THR B 257 -7.19 24.19 27.03
C THR B 257 -5.85 24.01 27.74
N ILE B 258 -4.98 24.99 27.57
CA ILE B 258 -3.64 24.93 28.14
C ILE B 258 -3.69 25.38 29.60
N GLY B 259 -3.15 24.55 30.50
CA GLY B 259 -3.08 24.82 31.93
C GLY B 259 -1.75 25.41 32.36
N GLU B 260 -1.30 25.02 33.56
CA GLU B 260 -0.13 25.63 34.18
C GLU B 260 1.15 25.29 33.42
N LYS B 261 2.05 26.27 33.34
CA LYS B 261 3.41 26.01 32.88
C LYS B 261 4.13 25.11 33.87
N ILE B 262 5.00 24.24 33.35
CA ILE B 262 5.84 23.39 34.18
C ILE B 262 7.26 23.94 34.14
N GLY B 263 7.74 24.44 35.28
CA GLY B 263 9.12 24.88 35.39
C GLY B 263 9.43 26.14 34.59
N GLN B 264 10.69 26.24 34.14
CA GLN B 264 11.17 27.44 33.46
C GLN B 264 11.03 27.32 31.94
N THR B 265 10.97 28.48 31.28
CA THR B 265 11.17 28.54 29.84
C THR B 265 12.59 28.12 29.50
N VAL B 266 12.72 27.12 28.63
CA VAL B 266 14.03 26.66 28.18
C VAL B 266 14.44 27.46 26.96
N LYS B 267 15.66 28.00 27.00
CA LYS B 267 16.27 28.70 25.87
C LYS B 267 17.68 28.17 25.74
N PHE B 268 18.00 27.63 24.57
CA PHE B 268 19.32 27.06 24.34
C PHE B 268 20.29 28.16 23.91
N ALA B 269 21.55 27.95 24.24
CA ALA B 269 22.58 28.95 24.03
C ALA B 269 23.20 28.83 22.63
N GLN B 270 23.81 29.93 22.20
CA GLN B 270 24.54 29.95 20.95
C GLN B 270 25.52 28.78 20.86
N GLY B 271 25.51 28.08 19.73
CA GLY B 271 26.46 27.00 19.47
C GLY B 271 27.75 27.52 18.84
N SER B 272 28.58 26.57 18.42
CA SER B 272 29.90 26.91 17.91
C SER B 272 29.92 27.09 16.39
N GLY B 273 28.76 27.30 15.76
CA GLY B 273 28.69 27.48 14.33
C GLY B 273 28.19 28.86 13.95
N THR B 274 27.32 28.90 12.94
CA THR B 274 26.72 30.15 12.46
C THR B 274 26.12 30.95 13.62
N SER B 275 26.41 32.24 13.65
CA SER B 275 25.83 33.10 14.66
C SER B 275 24.31 33.12 14.52
N GLY B 276 23.62 33.04 15.66
CA GLY B 276 22.18 32.92 15.67
C GLY B 276 21.65 31.51 15.59
N PHE B 277 22.52 30.49 15.63
CA PHE B 277 22.12 29.09 15.67
C PHE B 277 22.48 28.51 17.04
N SER B 278 21.47 28.00 17.75
CA SER B 278 21.69 27.48 19.10
C SER B 278 22.26 26.06 19.04
N LYS B 279 22.89 25.66 20.15
CA LYS B 279 23.61 24.38 20.18
C LYS B 279 22.68 23.18 20.04
N TYR B 280 21.45 23.29 20.55
CA TYR B 280 20.44 22.26 20.46
C TYR B 280 19.22 22.83 19.75
N LYS B 281 18.41 21.95 19.17
CA LYS B 281 17.21 22.41 18.48
C LYS B 281 15.97 22.00 19.26
N GLU B 282 15.24 21.00 18.79
CA GLU B 282 14.00 20.57 19.43
C GLU B 282 14.28 19.74 20.67
N ALA B 283 13.61 20.06 21.77
CA ALA B 283 13.61 19.26 22.99
C ALA B 283 12.32 18.44 23.08
N LYS B 284 12.46 17.18 23.46
CA LYS B 284 11.33 16.27 23.56
C LYS B 284 11.32 15.61 24.95
N PRO B 285 10.21 15.68 25.68
CA PRO B 285 10.17 15.12 27.04
C PRO B 285 10.37 13.60 27.02
N ILE B 286 11.16 13.10 27.98
CA ILE B 286 11.30 11.67 28.19
C ILE B 286 10.78 11.23 29.56
N ALA B 287 10.53 12.14 30.49
CA ALA B 287 9.99 11.76 31.78
C ALA B 287 9.36 12.98 32.43
N TYR B 288 8.38 12.73 33.30
CA TYR B 288 7.74 13.77 34.12
C TYR B 288 7.38 13.15 35.45
N ASP B 289 7.87 13.74 36.55
CA ASP B 289 7.68 13.18 37.89
C ASP B 289 6.69 14.00 38.72
N ASN B 290 5.78 14.74 38.06
CA ASN B 290 4.85 15.68 38.68
C ASN B 290 5.54 16.96 39.17
N THR B 291 6.87 17.04 39.10
CA THR B 291 7.56 18.30 39.41
C THR B 291 8.29 18.87 38.21
N LYS B 292 9.18 18.12 37.58
CA LYS B 292 9.95 18.62 36.44
C LYS B 292 9.88 17.65 35.28
N VAL B 293 9.98 18.21 34.08
CA VAL B 293 10.08 17.44 32.85
C VAL B 293 11.56 17.28 32.51
N THR B 294 11.99 16.04 32.27
CA THR B 294 13.30 15.73 31.71
C THR B 294 13.18 15.56 30.19
N TYR B 295 14.11 16.16 29.44
CA TYR B 295 14.01 16.12 28.00
C TYR B 295 15.33 15.71 27.38
N PHE B 296 15.23 15.08 26.21
CA PHE B 296 16.34 14.91 25.27
C PHE B 296 16.21 15.97 24.18
N ALA B 297 17.33 16.61 23.82
CA ALA B 297 17.36 17.66 22.81
C ALA B 297 18.27 17.26 21.65
N VAL B 298 17.85 17.54 20.41
CA VAL B 298 18.64 17.14 19.24
C VAL B 298 19.80 18.12 19.02
N PRO B 299 20.98 17.61 18.65
CA PRO B 299 22.10 18.52 18.36
C PRO B 299 21.92 19.23 17.04
N ASN B 300 22.20 20.53 17.03
CA ASN B 300 22.16 21.29 15.79
C ASN B 300 23.29 20.82 14.86
N PRO B 301 23.00 20.45 13.62
CA PRO B 301 24.11 20.11 12.71
C PRO B 301 25.01 21.31 12.41
N ASP B 302 24.53 22.53 12.65
CA ASP B 302 25.34 23.75 12.50
C ASP B 302 25.66 24.24 13.92
N GLY B 303 26.76 23.73 14.49
CA GLY B 303 27.23 24.25 15.76
C GLY B 303 26.99 23.37 16.98
N GLY B 304 26.42 22.18 16.82
CA GLY B 304 26.26 21.25 17.91
C GLY B 304 27.41 20.25 17.94
N ASP B 305 27.28 19.25 18.82
CA ASP B 305 28.36 18.29 19.04
C ASP B 305 28.03 16.87 18.58
N GLY B 306 26.97 16.67 17.80
CA GLY B 306 26.65 15.33 17.35
C GLY B 306 26.11 14.37 18.39
N LYS B 307 25.86 14.83 19.62
CA LYS B 307 25.31 13.99 20.67
C LYS B 307 23.99 14.56 21.17
N MET B 308 23.09 13.67 21.60
CA MET B 308 21.84 14.05 22.25
C MET B 308 22.16 14.88 23.50
N GLY B 309 21.36 15.91 23.77
CA GLY B 309 21.49 16.68 25.00
C GLY B 309 20.41 16.26 26.00
N LYS B 310 20.77 16.29 27.30
CA LYS B 310 19.84 15.93 28.36
C LYS B 310 19.72 17.08 29.34
N GLY B 311 18.49 17.48 29.63
CA GLY B 311 18.21 18.58 30.53
C GLY B 311 16.86 18.41 31.20
N ASP B 312 16.45 19.41 31.97
CA ASP B 312 15.12 19.38 32.55
C ASP B 312 14.63 20.81 32.74
N SER B 313 13.34 20.91 33.11
CA SER B 313 12.66 22.19 33.19
C SER B 313 12.95 22.97 34.47
N GLY B 314 13.89 22.50 35.31
CA GLY B 314 14.24 23.22 36.51
C GLY B 314 15.00 24.52 36.26
N ALA B 315 15.70 24.63 35.13
CA ALA B 315 16.49 25.80 34.78
C ALA B 315 16.24 26.19 33.32
N GLU B 316 16.65 27.41 32.98
CA GLU B 316 16.52 27.88 31.59
C GLU B 316 17.38 27.07 30.63
N ASN B 317 18.60 26.70 31.06
CA ASN B 317 19.54 26.02 30.18
C ASN B 317 20.51 25.19 31.00
N ASN B 318 20.07 24.03 31.49
CA ASN B 318 20.96 23.14 32.22
C ASN B 318 21.31 21.90 31.41
N VAL B 319 21.09 21.94 30.10
CA VAL B 319 21.32 20.78 29.24
C VAL B 319 22.80 20.45 29.22
N THR B 320 23.11 19.17 29.22
CA THR B 320 24.48 18.69 29.13
C THR B 320 24.56 17.60 28.08
N SER B 321 25.74 17.48 27.47
CA SER B 321 25.97 16.45 26.48
C SER B 321 25.84 15.06 27.10
N THR B 322 25.19 14.16 26.38
CA THR B 322 25.23 12.74 26.68
C THR B 322 26.27 12.09 25.80
N THR B 323 26.39 10.77 25.91
CA THR B 323 27.23 10.00 24.99
C THR B 323 26.42 9.34 23.87
N ILE B 324 25.13 9.66 23.76
CA ILE B 324 24.27 9.10 22.71
C ILE B 324 24.46 9.89 21.41
N PRO B 325 24.97 9.27 20.35
CA PRO B 325 25.04 9.97 19.05
C PRO B 325 23.64 10.22 18.52
N GLY B 326 23.47 11.40 17.91
CA GLY B 326 22.15 11.81 17.47
C GLY B 326 22.26 12.88 16.40
N SER B 327 21.10 13.19 15.81
CA SER B 327 20.98 14.24 14.83
C SER B 327 19.54 14.74 14.85
N GLU B 328 19.17 15.50 13.82
CA GLU B 328 17.83 16.05 13.73
C GLU B 328 16.79 14.93 13.58
N GLY B 329 15.57 15.25 13.96
CA GLY B 329 14.45 14.33 13.82
C GLY B 329 13.86 13.95 15.16
N SER B 330 12.79 13.14 15.09
CA SER B 330 12.06 12.69 16.27
C SER B 330 12.51 11.29 16.64
N PHE B 331 13.14 11.17 17.81
CA PHE B 331 13.63 9.86 18.25
C PHE B 331 12.49 9.02 18.83
N GLY B 332 12.68 7.71 18.78
CA GLY B 332 11.81 6.78 19.46
C GLY B 332 12.27 6.49 20.88
N PHE B 333 11.30 6.26 21.77
CA PHE B 333 11.63 6.17 23.19
C PHE B 333 10.51 5.41 23.89
N LEU B 334 10.85 4.32 24.57
CA LEU B 334 9.88 3.54 25.31
C LEU B 334 10.47 3.22 26.68
N LYS B 335 9.72 3.54 27.73
CA LYS B 335 10.08 3.16 29.09
C LYS B 335 9.23 1.97 29.51
N LEU B 336 9.88 0.88 29.92
CA LEU B 336 9.20 -0.30 30.45
C LEU B 336 9.43 -0.39 31.96
N THR B 337 8.37 -0.64 32.73
CA THR B 337 8.44 -0.71 34.20
C THR B 337 8.28 -2.15 34.67
N GLY B 338 9.40 -2.80 35.01
CA GLY B 338 9.39 -4.17 35.46
C GLY B 338 8.86 -5.18 34.45
N SER B 339 8.73 -4.76 33.18
CA SER B 339 8.09 -5.59 32.16
C SER B 339 9.04 -5.95 31.03
N TRP B 340 10.34 -5.79 31.24
CA TRP B 340 11.35 -6.22 30.30
C TRP B 340 11.90 -7.56 30.75
N TYR B 341 11.73 -8.59 29.90
CA TYR B 341 12.27 -9.92 30.15
C TYR B 341 13.47 -10.27 29.29
N GLY B 342 13.83 -9.41 28.33
CA GLY B 342 15.02 -9.63 27.51
C GLY B 342 15.08 -11.02 26.91
N ALA B 343 16.19 -11.71 27.15
CA ALA B 343 16.37 -13.06 26.63
C ALA B 343 15.69 -14.13 27.47
N ASN B 344 15.11 -13.77 28.62
CA ASN B 344 14.56 -14.78 29.52
C ASN B 344 13.13 -15.15 29.13
N GLN B 345 12.75 -16.38 29.45
CA GLN B 345 11.41 -16.86 29.17
C GLN B 345 10.35 -16.08 29.95
N TYR B 346 9.20 -15.87 29.32
CA TYR B 346 8.02 -15.31 29.99
C TYR B 346 6.79 -15.87 29.31
N ASP B 347 5.65 -15.68 29.96
CA ASP B 347 4.38 -16.13 29.41
C ASP B 347 3.71 -14.98 28.67
N PRO B 348 3.66 -14.99 27.33
CA PRO B 348 3.02 -13.87 26.62
C PRO B 348 1.54 -13.73 26.94
N SER B 349 0.88 -14.79 27.37
CA SER B 349 -0.52 -14.67 27.76
C SER B 349 -0.67 -13.89 29.05
N LYS B 350 0.21 -14.14 30.04
CA LYS B 350 0.17 -13.36 31.27
C LYS B 350 0.54 -11.91 31.03
N TYR B 351 1.43 -11.64 30.09
CA TYR B 351 1.85 -10.27 29.83
C TYR B 351 0.67 -9.34 29.57
N ALA B 352 -0.39 -9.86 28.93
CA ALA B 352 -1.51 -9.00 28.56
C ALA B 352 -2.26 -8.49 29.79
N SER B 353 -2.29 -9.26 30.87
CA SER B 353 -3.00 -8.85 32.08
C SER B 353 -2.06 -8.32 33.16
N ASN B 354 -0.81 -8.77 33.18
CA ASN B 354 0.15 -8.31 34.17
C ASN B 354 1.55 -8.29 33.58
N PRO B 355 1.89 -7.23 32.85
CA PRO B 355 3.19 -7.20 32.17
C PRO B 355 4.38 -7.25 33.09
N SER B 356 4.26 -6.81 34.34
CA SER B 356 5.39 -6.80 35.28
C SER B 356 5.55 -8.10 36.07
N GLN B 357 4.61 -9.05 35.95
CA GLN B 357 4.68 -10.32 36.69
C GLN B 357 4.31 -11.46 35.72
N ALA B 358 5.19 -11.73 34.75
CA ALA B 358 4.89 -12.73 33.74
C ALA B 358 6.07 -13.63 33.40
N GLY B 359 7.22 -13.48 34.06
CA GLY B 359 8.42 -14.18 33.67
C GLY B 359 8.55 -15.59 34.23
N GLY B 360 9.61 -16.25 33.80
CA GLY B 360 9.96 -17.56 34.34
C GLY B 360 9.05 -18.68 33.88
N ALA B 361 9.45 -19.92 34.14
CA ALA B 361 8.64 -21.06 33.72
C ALA B 361 7.28 -21.08 34.39
N THR B 362 7.14 -20.45 35.56
CA THR B 362 5.85 -20.33 36.20
C THR B 362 5.02 -19.21 35.61
N GLY B 363 5.63 -18.31 34.85
CA GLY B 363 4.87 -17.25 34.20
C GLY B 363 4.36 -16.19 35.14
N ASP B 364 5.05 -15.94 36.26
CA ASP B 364 4.57 -14.96 37.22
C ASP B 364 5.70 -14.19 37.91
N GLN B 365 6.95 -14.36 37.47
CA GLN B 365 8.08 -13.65 38.03
C GLN B 365 8.15 -12.22 37.48
N ALA B 366 8.85 -11.36 38.23
CA ALA B 366 8.98 -9.96 37.84
C ALA B 366 10.05 -9.79 36.75
N GLY B 367 9.75 -8.89 35.81
CA GLY B 367 10.75 -8.40 34.88
C GLY B 367 11.51 -7.24 35.50
N LYS B 368 12.27 -6.55 34.67
CA LYS B 368 13.01 -5.41 35.15
C LYS B 368 12.71 -4.19 34.31
N ASP B 369 13.16 -3.05 34.83
CA ASP B 369 13.03 -1.78 34.14
C ASP B 369 14.01 -1.69 32.98
N GLU B 370 13.58 -1.00 31.93
CA GLU B 370 14.40 -0.84 30.75
C GLU B 370 13.87 0.33 29.92
N VAL B 371 14.78 0.97 29.19
CA VAL B 371 14.42 2.01 28.24
C VAL B 371 14.96 1.61 26.87
N LEU B 372 14.09 1.63 25.86
CA LEU B 372 14.47 1.46 24.46
C LEU B 372 14.49 2.80 23.75
N PHE B 373 15.52 3.04 22.96
CA PHE B 373 15.76 4.31 22.31
C PHE B 373 16.21 4.07 20.88
N SER B 374 15.69 4.86 19.93
CA SER B 374 16.14 4.76 18.55
C SER B 374 16.27 6.15 17.94
N HIS B 375 17.42 6.40 17.30
CA HIS B 375 17.56 7.63 16.54
C HIS B 375 18.67 7.50 15.52
N VAL B 376 18.63 8.40 14.53
CA VAL B 376 19.72 8.50 13.57
C VAL B 376 20.92 9.15 14.23
N THR B 377 22.11 8.88 13.68
CA THR B 377 23.37 9.37 14.22
C THR B 377 24.01 10.47 13.39
N THR B 378 23.59 10.65 12.13
CA THR B 378 23.98 11.75 11.25
C THR B 378 22.72 12.20 10.52
N PRO B 379 22.71 13.38 9.89
CA PRO B 379 21.46 13.86 9.24
C PRO B 379 20.95 12.90 8.18
N ALA B 380 19.70 12.43 8.38
CA ALA B 380 19.04 11.46 7.50
C ALA B 380 19.84 10.18 7.36
N GLY B 381 20.66 9.86 8.35
CA GLY B 381 21.59 8.74 8.30
C GLY B 381 21.02 7.44 8.84
N GLN B 382 21.89 6.63 9.42
CA GLN B 382 21.51 5.30 9.91
C GLN B 382 20.77 5.41 11.24
N ASN B 383 19.70 4.63 11.37
CA ASN B 383 18.92 4.65 12.59
C ASN B 383 19.40 3.52 13.50
N GLN B 384 19.82 3.88 14.72
CA GLN B 384 20.35 2.94 15.71
C GLN B 384 19.39 2.85 16.88
N MET B 385 19.02 1.64 17.25
CA MET B 385 18.31 1.39 18.50
C MET B 385 19.31 0.98 19.58
N ARG B 386 18.99 1.37 20.81
CA ARG B 386 19.87 1.20 21.97
C ARG B 386 19.04 0.95 23.21
N LEU B 387 19.66 0.30 24.19
CA LEU B 387 19.11 0.27 25.54
C LEU B 387 19.73 1.40 26.35
N LEU B 388 18.91 2.05 27.16
CA LEU B 388 19.35 3.09 28.07
C LEU B 388 19.04 2.68 29.50
N ASP B 389 19.92 3.05 30.42
CA ASP B 389 19.67 2.79 31.82
C ASP B 389 18.40 3.53 32.27
N PRO B 390 17.50 2.86 33.00
CA PRO B 390 16.21 3.49 33.32
C PRO B 390 16.28 4.57 34.38
N GLN B 391 17.42 4.78 35.02
CA GLN B 391 17.56 5.85 36.01
C GLN B 391 18.22 7.10 35.44
N GLN B 392 19.36 6.94 34.78
CA GLN B 392 20.10 8.07 34.23
C GLN B 392 19.98 8.18 32.71
N TYR B 393 19.34 7.23 32.03
CA TYR B 393 19.23 7.21 30.57
C TYR B 393 20.61 7.18 29.92
N GLU B 394 21.51 6.40 30.52
CA GLU B 394 22.78 6.30 29.81
C GLU B 394 22.84 5.01 29.00
N PRO B 395 23.44 5.03 27.81
CA PRO B 395 23.36 3.85 26.94
C PRO B 395 24.30 2.73 27.37
N LEU B 396 23.89 1.51 27.03
CA LEU B 396 24.79 0.36 27.03
C LEU B 396 25.68 0.42 25.79
N SER B 397 26.63 -0.51 25.69
CA SER B 397 27.66 -0.40 24.67
C SER B 397 27.18 -0.84 23.29
N LYS B 398 26.19 -1.70 23.21
CA LYS B 398 25.78 -2.25 21.92
C LYS B 398 24.69 -1.39 21.28
N SER B 399 24.57 -1.51 19.96
CA SER B 399 23.52 -0.82 19.23
C SER B 399 23.08 -1.65 18.03
N LEU B 400 21.82 -1.51 17.64
CA LEU B 400 21.24 -2.30 16.54
C LEU B 400 20.77 -1.35 15.44
N GLN B 401 21.30 -1.55 14.22
CA GLN B 401 20.86 -0.75 13.09
C GLN B 401 19.48 -1.21 12.62
N ILE B 402 18.49 -0.32 12.65
CA ILE B 402 17.17 -0.66 12.13
C ILE B 402 16.87 0.00 10.80
N SER B 403 17.74 0.86 10.29
CA SER B 403 17.56 1.40 8.96
C SER B 403 18.86 2.04 8.48
N LYS B 404 19.14 1.88 7.18
CA LYS B 404 20.28 2.56 6.56
C LYS B 404 20.06 4.07 6.47
N THR B 405 18.83 4.50 6.18
CA THR B 405 18.47 5.90 6.06
C THR B 405 17.14 6.10 6.79
N SER B 406 17.02 7.20 7.52
CA SER B 406 15.86 7.39 8.37
C SER B 406 15.87 8.84 8.84
N LYS B 407 14.89 9.20 9.66
CA LYS B 407 14.92 10.48 10.35
C LYS B 407 14.10 10.43 11.64
N SER B 408 12.84 9.98 11.55
CA SER B 408 11.99 9.91 12.73
C SER B 408 11.48 8.48 12.94
N SER B 409 11.33 8.11 14.21
CA SER B 409 10.86 6.78 14.60
C SER B 409 10.15 6.87 15.95
N SER B 410 9.49 5.77 16.32
CA SER B 410 8.58 5.75 17.48
C SER B 410 8.40 4.29 17.90
N ILE B 411 8.33 4.04 19.22
CA ILE B 411 8.39 2.69 19.79
C ILE B 411 7.23 2.49 20.76
N ASP B 412 6.65 1.29 20.76
CA ASP B 412 5.71 0.91 21.80
C ASP B 412 5.87 -0.60 22.01
N VAL B 413 5.04 -1.15 22.91
CA VAL B 413 5.05 -2.56 23.27
C VAL B 413 3.63 -3.11 23.21
N LEU B 414 3.46 -4.29 22.62
CA LEU B 414 2.15 -4.92 22.51
C LEU B 414 1.80 -5.69 23.79
N PRO B 415 0.51 -5.98 24.02
CA PRO B 415 0.13 -6.75 25.22
C PRO B 415 0.74 -8.16 25.30
N ASP B 416 1.39 -8.67 24.26
CA ASP B 416 2.10 -9.93 24.35
C ASP B 416 3.59 -9.76 24.62
N GLY B 417 4.05 -8.52 24.82
CA GLY B 417 5.44 -8.26 25.09
C GLY B 417 6.31 -7.98 23.88
N THR B 418 5.84 -8.22 22.67
CA THR B 418 6.67 -7.91 21.52
C THR B 418 6.74 -6.39 21.31
N ILE B 419 7.87 -5.94 20.78
CA ILE B 419 8.16 -4.52 20.60
C ILE B 419 7.80 -4.14 19.16
N ILE B 420 7.06 -3.03 19.02
CA ILE B 420 6.65 -2.54 17.69
C ILE B 420 7.28 -1.17 17.45
N VAL B 421 7.65 -0.94 16.20
CA VAL B 421 8.38 0.26 15.78
C VAL B 421 7.76 0.76 14.50
N VAL B 422 7.58 2.07 14.40
CA VAL B 422 7.30 2.72 13.12
C VAL B 422 8.44 3.67 12.85
N ALA B 423 8.93 3.67 11.61
CA ALA B 423 10.09 4.49 11.30
C ALA B 423 10.11 4.83 9.82
N GLU B 424 10.67 6.00 9.52
CA GLU B 424 11.01 6.35 8.15
C GLU B 424 12.22 5.54 7.69
N LYS B 425 12.13 4.93 6.51
CA LYS B 425 13.24 4.17 5.93
C LYS B 425 13.30 4.39 4.42
N GLU B 426 14.40 3.93 3.81
CA GLU B 426 14.54 3.90 2.36
C GLU B 426 14.38 5.30 1.75
N ARG B 427 15.30 6.19 2.12
CA ARG B 427 15.23 7.53 1.57
C ARG B 427 15.30 7.49 0.04
N ASN B 428 14.43 8.27 -0.60
CA ASN B 428 14.40 8.37 -2.07
C ASN B 428 15.31 9.52 -2.50
N THR B 429 16.51 9.19 -2.97
CA THR B 429 17.47 10.25 -3.31
C THR B 429 17.08 11.04 -4.56
N GLY B 430 16.20 10.50 -5.41
CA GLY B 430 15.71 11.25 -6.56
C GLY B 430 14.65 12.30 -6.26
N ALA B 431 14.14 12.36 -5.03
CA ALA B 431 13.06 13.27 -4.68
C ALA B 431 13.60 14.55 -4.06
N SER B 432 12.80 15.62 -4.20
CA SER B 432 13.25 16.97 -3.93
C SER B 432 13.71 17.16 -2.48
N GLY B 433 12.91 16.73 -1.51
CA GLY B 433 13.29 17.06 -0.15
C GLY B 433 13.86 15.89 0.63
N LEU B 434 13.23 15.54 1.75
CA LEU B 434 13.43 14.25 2.41
C LEU B 434 12.18 13.42 2.20
N LYS B 435 12.25 12.43 1.31
CA LYS B 435 11.13 11.54 1.06
C LYS B 435 11.53 10.14 1.49
N PHE B 436 10.64 9.49 2.25
CA PHE B 436 10.86 8.20 2.86
C PHE B 436 9.65 7.32 2.62
N ASN B 437 9.84 6.03 2.88
CA ASN B 437 8.77 5.08 3.09
C ASN B 437 8.53 4.95 4.59
N ILE B 438 7.31 4.59 4.96
CA ILE B 438 6.96 4.41 6.37
C ILE B 438 6.91 2.91 6.66
N PHE B 439 7.76 2.44 7.58
CA PHE B 439 7.90 1.01 7.89
C PHE B 439 7.23 0.69 9.22
N PHE B 440 6.61 -0.47 9.30
CA PHE B 440 6.21 -1.07 10.55
C PHE B 440 7.13 -2.25 10.86
N SER B 441 7.54 -2.39 12.13
CA SER B 441 8.40 -3.48 12.56
C SER B 441 7.94 -4.05 13.90
N ARG B 442 8.17 -5.36 14.08
CA ARG B 442 7.79 -6.08 15.29
C ARG B 442 8.91 -7.04 15.65
N TYR B 443 9.38 -6.95 16.90
CA TYR B 443 10.52 -7.72 17.41
C TYR B 443 10.13 -8.44 18.69
N THR B 444 10.73 -9.62 18.88
CA THR B 444 10.72 -10.26 20.20
C THR B 444 11.75 -9.59 21.10
N GLN B 445 11.45 -9.61 22.41
CA GLN B 445 12.41 -9.10 23.39
C GLN B 445 13.70 -9.91 23.39
N SER B 446 13.61 -11.23 23.21
CA SER B 446 14.84 -12.04 23.22
C SER B 446 15.73 -11.69 22.04
N TYR B 447 15.12 -11.44 20.86
CA TYR B 447 15.94 -10.99 19.74
C TYR B 447 16.61 -9.66 20.06
N LEU B 448 15.84 -8.69 20.58
CA LEU B 448 16.45 -7.39 20.87
C LEU B 448 17.56 -7.52 21.91
N SER B 449 17.31 -8.33 22.95
CA SER B 449 18.31 -8.58 23.98
C SER B 449 19.60 -9.13 23.36
N SER B 450 19.48 -10.13 22.49
CA SER B 450 20.66 -10.73 21.88
C SER B 450 21.47 -9.71 21.08
N GLN B 451 20.84 -8.63 20.61
CA GLN B 451 21.57 -7.61 19.86
C GLN B 451 22.01 -6.43 20.71
N LEU B 452 21.38 -6.21 21.86
CA LEU B 452 21.62 -4.99 22.63
C LEU B 452 22.23 -5.23 24.00
N GLU B 453 22.23 -6.45 24.52
CA GLU B 453 22.67 -6.74 25.88
C GLU B 453 23.92 -7.62 25.87
N TYR B 454 24.58 -7.67 27.04
CA TYR B 454 25.77 -8.50 27.25
C TYR B 454 25.55 -9.84 27.93
MG MG C . 12.31 -3.72 -1.92
MG MG D . -5.81 15.71 -21.07
MG MG E . -0.17 -11.55 5.68
MG MG F . -16.48 14.91 13.63
#